data_8EN6
#
_entry.id   8EN6
#
_cell.length_a   74.412
_cell.length_b   119.706
_cell.length_c   127.816
_cell.angle_alpha   90.000
_cell.angle_beta   90.000
_cell.angle_gamma   90.000
#
_symmetry.space_group_name_H-M   'P 21 21 21'
#
loop_
_entity.id
_entity.type
_entity.pdbx_description
1 polymer 'GII.4 P domain'
2 polymer 'Nanobody 76'
3 non-polymer GLYCEROL
4 non-polymer 'ISOPROPYL ALCOHOL'
5 non-polymer 1,2-ETHANEDIOL
6 non-polymer 'DIMETHYL SULFOXIDE'
7 water water
#
loop_
_entity_poly.entity_id
_entity_poly.type
_entity_poly.pdbx_seq_one_letter_code
_entity_poly.pdbx_strand_id
1 'polypeptide(L)'
;TKPFSVPVLTVEEMTNSRFPIPLEKLFTGPSSAFVVQPQNGRCTTDGVLLGTTQLSPVNICTFRGDVTHITGSRNYTMNL
ASQNWNDYDPTEEIPAPLGTPDFVGKIQGVLTQTTRTDGSTRGHKATVYTGSADFAPKLGRVQFETDTDRDFEANQNTKF
TPVGVIQDGGTTHRNEPQQWVLPSYSGRNTHNVHLAPAVAPTFPGEQLLFFRSTMPGCSGYPNMDLDCLLPQEWVQYFYQ
EAAPAQSDVALLRFVNPDTGRVLFECKLHKSGYVTVAHTGQHDLVIPPNGYFRFDSWVNQFYTLAPM
;
A,B
2 'polypeptide(L)'
;QVQLQESGGGLVQAGGSLRLSCAASGTIFSIDAFGWYRQAPGKQREWVAGITSGSSTIYADFVKGRFTISRDNAKNTVFL
QMNSLKPEDTAVYYCNRAKPPTYYSLEPWGKGTQVTVSSHH
;
C,D
#
loop_
_chem_comp.id
_chem_comp.type
_chem_comp.name
_chem_comp.formula
DMS non-polymer 'DIMETHYL SULFOXIDE' 'C2 H6 O S'
EDO non-polymer 1,2-ETHANEDIOL 'C2 H6 O2'
GOL non-polymer GLYCEROL 'C3 H8 O3'
IPA non-polymer 'ISOPROPYL ALCOHOL' 'C3 H8 O'
#
# COMPACT_ATOMS: atom_id res chain seq x y z
N THR A 1 11.19 0.23 38.50
CA THR A 1 10.40 1.11 39.36
C THR A 1 9.25 1.75 38.55
N LYS A 2 9.52 2.13 37.28
CA LYS A 2 8.46 2.67 36.43
C LYS A 2 7.34 1.64 36.28
N PRO A 3 6.09 2.02 36.51
CA PRO A 3 5.00 1.03 36.48
C PRO A 3 4.67 0.57 35.06
N PHE A 4 4.42 -0.72 34.95
CA PHE A 4 4.03 -1.28 33.67
C PHE A 4 2.57 -0.96 33.38
N SER A 5 2.23 -0.96 32.08
CA SER A 5 0.87 -0.69 31.63
C SER A 5 0.78 -1.15 30.18
N VAL A 6 -0.44 -1.16 29.65
CA VAL A 6 -0.65 -1.32 28.21
C VAL A 6 -1.49 -0.14 27.71
N PRO A 7 -1.46 0.16 26.41
CA PRO A 7 -2.18 1.35 25.94
C PRO A 7 -3.69 1.22 26.06
N VAL A 8 -4.33 2.36 26.26
CA VAL A 8 -5.80 2.43 26.22
C VAL A 8 -6.11 2.65 24.74
N LEU A 9 -6.25 1.55 24.03
CA LEU A 9 -6.68 1.58 22.65
C LEU A 9 -7.56 0.37 22.47
N THR A 10 -8.63 0.54 21.69
CA THR A 10 -9.48 -0.59 21.34
C THR A 10 -8.81 -1.46 20.28
N VAL A 11 -9.36 -2.67 20.08
CA VAL A 11 -8.83 -3.54 19.04
C VAL A 11 -8.90 -2.85 17.67
N GLU A 12 -10.06 -2.25 17.36
CA GLU A 12 -10.21 -1.62 16.04
C GLU A 12 -9.36 -0.35 15.87
N GLU A 13 -8.83 0.24 16.97
CA GLU A 13 -7.94 1.38 16.86
C GLU A 13 -6.49 0.96 16.57
N MET A 14 -6.19 -0.31 16.62
CA MET A 14 -4.81 -0.83 16.55
C MET A 14 -4.57 -1.49 15.20
N THR A 15 -3.33 -1.92 15.02
CA THR A 15 -2.75 -2.31 13.74
C THR A 15 -2.08 -3.65 13.84
N ASN A 16 -2.23 -4.48 12.79
CA ASN A 16 -1.50 -5.74 12.75
C ASN A 16 0.00 -5.47 12.68
N SER A 17 0.79 -6.29 13.39
CA SER A 17 2.24 -6.15 13.39
C SER A 17 2.93 -7.01 12.35
N ARG A 18 2.16 -7.74 11.54
CA ARG A 18 2.75 -8.62 10.53
C ARG A 18 2.39 -8.22 9.11
N PHE A 19 1.54 -7.22 8.94
CA PHE A 19 1.17 -6.74 7.60
C PHE A 19 0.53 -5.39 7.83
N PRO A 20 0.67 -4.41 6.91
CA PRO A 20 0.20 -3.01 7.21
C PRO A 20 -1.30 -2.79 7.02
N ILE A 21 -2.08 -3.37 7.92
CA ILE A 21 -3.55 -3.33 7.91
C ILE A 21 -4.05 -3.25 9.35
N PRO A 22 -5.24 -2.71 9.58
CA PRO A 22 -5.75 -2.64 10.95
C PRO A 22 -6.09 -4.00 11.51
N LEU A 23 -6.11 -4.06 12.86
CA LEU A 23 -6.70 -5.20 13.53
C LEU A 23 -8.21 -5.18 13.33
N GLU A 24 -8.78 -6.38 13.32
CA GLU A 24 -10.23 -6.53 13.24
C GLU A 24 -10.85 -7.17 14.46
N LYS A 25 -10.19 -8.17 15.02
CA LYS A 25 -10.86 -9.04 16.00
C LYS A 25 -9.84 -9.85 16.80
N LEU A 26 -10.34 -10.45 17.88
CA LEU A 26 -9.54 -11.35 18.71
C LEU A 26 -9.99 -12.78 18.46
N PHE A 27 -9.03 -13.70 18.37
CA PHE A 27 -9.34 -15.10 18.06
C PHE A 27 -8.48 -15.99 18.96
N THR A 28 -9.07 -17.09 19.45
CA THR A 28 -8.24 -18.11 20.12
C THR A 28 -8.48 -19.48 19.47
N GLY A 29 -7.43 -20.32 19.44
CA GLY A 29 -7.59 -21.68 18.97
C GLY A 29 -6.39 -22.47 19.41
N PRO A 30 -6.48 -23.80 19.30
CA PRO A 30 -5.33 -24.64 19.65
C PRO A 30 -4.22 -24.43 18.62
N SER A 31 -2.97 -24.65 19.07
CA SER A 31 -1.81 -24.39 18.21
C SER A 31 -0.73 -25.45 18.42
N SER A 32 -1.08 -26.61 18.99
CA SER A 32 -0.08 -27.66 19.14
C SER A 32 0.28 -28.35 17.82
N ALA A 33 -0.54 -28.18 16.79
CA ALA A 33 -0.34 -28.86 15.51
C ALA A 33 0.49 -28.06 14.49
N PHE A 34 1.06 -26.92 14.88
CA PHE A 34 1.95 -26.18 14.01
C PHE A 34 2.90 -25.37 14.90
N VAL A 35 3.95 -24.80 14.29
CA VAL A 35 4.94 -24.01 15.00
C VAL A 35 4.53 -22.55 14.90
N VAL A 36 4.44 -21.86 16.02
CA VAL A 36 4.05 -20.44 16.04
C VAL A 36 5.33 -19.66 16.31
N GLN A 37 5.95 -19.17 15.27
CA GLN A 37 7.24 -18.52 15.42
C GLN A 37 7.29 -17.30 14.51
N PRO A 38 6.30 -16.42 14.55
CA PRO A 38 6.43 -15.20 13.73
C PRO A 38 7.61 -14.34 14.16
N GLN A 39 8.14 -13.56 13.20
CA GLN A 39 9.30 -12.71 13.47
C GLN A 39 8.98 -11.22 13.51
N ASN A 40 7.87 -10.80 12.89
CA ASN A 40 7.35 -9.46 13.08
C ASN A 40 6.34 -9.49 14.25
N GLY A 41 6.18 -8.33 14.93
CA GLY A 41 5.30 -8.27 16.09
C GLY A 41 5.87 -8.97 17.31
N ARG A 42 7.19 -8.93 17.46
CA ARG A 42 7.87 -9.60 18.58
C ARG A 42 8.59 -8.58 19.45
N CYS A 43 8.20 -8.52 20.72
CA CYS A 43 8.77 -7.51 21.62
C CYS A 43 8.54 -7.98 23.05
N THR A 44 9.54 -7.76 23.92
CA THR A 44 9.31 -8.07 25.35
C THR A 44 8.49 -6.97 26.03
N THR A 45 7.91 -7.32 27.21
CA THR A 45 7.11 -6.28 27.87
C THR A 45 7.97 -5.12 28.35
N ASP A 46 9.28 -5.34 28.57
CA ASP A 46 10.14 -4.24 28.96
C ASP A 46 10.84 -3.59 27.77
N GLY A 47 10.34 -3.80 26.55
CA GLY A 47 10.77 -2.97 25.43
C GLY A 47 11.92 -3.45 24.57
N VAL A 48 12.26 -4.73 24.60
CA VAL A 48 13.32 -5.26 23.74
C VAL A 48 12.71 -5.87 22.46
N LEU A 49 13.02 -5.26 21.31
CA LEU A 49 12.52 -5.79 20.04
C LEU A 49 13.23 -7.09 19.70
N LEU A 50 12.49 -7.99 19.08
CA LEU A 50 12.98 -9.32 18.73
C LEU A 50 12.79 -9.62 17.24
N GLY A 51 13.48 -10.64 16.75
CA GLY A 51 13.22 -11.11 15.39
C GLY A 51 13.52 -10.06 14.34
N THR A 52 12.55 -9.82 13.43
CA THR A 52 12.66 -8.78 12.41
C THR A 52 11.80 -7.57 12.76
N THR A 53 11.47 -7.37 14.03
CA THR A 53 10.47 -6.37 14.41
C THR A 53 11.07 -4.97 14.44
N GLN A 54 10.41 -4.03 13.77
CA GLN A 54 10.73 -2.62 13.85
C GLN A 54 9.46 -1.83 14.18
N LEU A 55 9.58 -0.48 14.30
CA LEU A 55 8.55 0.30 14.99
C LEU A 55 7.36 0.79 14.14
N SER A 56 7.56 1.07 12.86
CA SER A 56 6.36 1.64 12.19
C SER A 56 5.63 0.62 11.34
N PRO A 57 4.31 0.55 11.39
CA PRO A 57 3.63 -0.49 10.61
C PRO A 57 3.68 -0.28 9.12
N VAL A 58 3.97 0.93 8.64
CA VAL A 58 3.97 1.12 7.20
C VAL A 58 5.20 0.52 6.53
N ASN A 59 6.24 0.13 7.27
CA ASN A 59 7.41 -0.47 6.66
C ASN A 59 7.32 -1.99 6.53
N ILE A 60 6.25 -2.62 7.05
CA ILE A 60 6.20 -4.08 7.08
C ILE A 60 5.89 -4.60 5.67
N CYS A 61 6.72 -5.55 5.16
CA CYS A 61 6.58 -6.15 3.82
C CYS A 61 6.82 -5.14 2.67
N THR A 62 7.54 -4.03 2.93
CA THR A 62 8.04 -3.16 1.88
C THR A 62 9.50 -3.52 1.56
N PHE A 63 9.88 -3.23 0.33
CA PHE A 63 11.28 -3.40 -0.06
C PHE A 63 11.75 -2.20 -0.88
N ARG A 64 13.06 -1.89 -0.81
CA ARG A 64 13.61 -0.80 -1.59
C ARG A 64 15.01 -1.18 -2.07
N GLY A 65 15.41 -0.66 -3.24
CA GLY A 65 16.77 -0.92 -3.76
C GLY A 65 16.81 -0.56 -5.24
N ASP A 66 17.79 -1.14 -5.95
CA ASP A 66 17.85 -1.01 -7.39
C ASP A 66 17.49 -2.35 -8.01
N VAL A 67 17.01 -2.34 -9.28
CA VAL A 67 16.55 -3.56 -9.92
C VAL A 67 17.31 -3.82 -11.22
N THR A 68 17.43 -5.11 -11.54
CA THR A 68 18.05 -5.55 -12.78
C THR A 68 17.12 -6.56 -13.43
N HIS A 69 16.94 -6.43 -14.74
CA HIS A 69 16.03 -7.28 -15.46
C HIS A 69 16.58 -8.70 -15.59
N ILE A 70 15.70 -9.69 -15.45
CA ILE A 70 16.06 -11.10 -15.59
C ILE A 70 15.74 -11.51 -17.04
N THR A 71 16.79 -11.77 -17.84
CA THR A 71 16.56 -11.93 -19.29
C THR A 71 15.61 -13.08 -19.57
N GLY A 72 14.75 -12.90 -20.57
CA GLY A 72 13.80 -13.94 -20.91
C GLY A 72 12.53 -13.96 -20.09
N SER A 73 12.32 -12.96 -19.23
CA SER A 73 11.18 -12.93 -18.34
C SER A 73 10.67 -11.49 -18.22
N ARG A 74 9.57 -11.35 -17.50
CA ARG A 74 9.08 -10.05 -17.00
C ARG A 74 9.43 -9.85 -15.53
N ASN A 75 10.55 -10.41 -15.10
CA ASN A 75 10.90 -10.41 -13.68
C ASN A 75 12.17 -9.62 -13.46
N TYR A 76 12.33 -9.15 -12.22
CA TYR A 76 13.43 -8.27 -11.86
C TYR A 76 14.03 -8.73 -10.54
N THR A 77 15.38 -8.73 -10.45
CA THR A 77 16.06 -8.88 -9.17
C THR A 77 16.17 -7.53 -8.52
N MET A 78 15.75 -7.41 -7.26
CA MET A 78 16.06 -6.25 -6.46
C MET A 78 17.26 -6.49 -5.59
N ASN A 79 18.24 -5.58 -5.67
CA ASN A 79 19.38 -5.57 -4.76
C ASN A 79 18.99 -4.66 -3.61
N LEU A 80 18.72 -5.23 -2.43
CA LEU A 80 18.10 -4.42 -1.36
C LEU A 80 19.05 -3.34 -0.83
N ALA A 81 18.46 -2.16 -0.57
CA ALA A 81 19.04 -1.10 0.24
C ALA A 81 18.39 -1.14 1.62
N SER A 82 19.02 -0.40 2.59
CA SER A 82 18.30 -0.02 3.80
C SER A 82 17.09 0.87 3.48
N GLN A 83 16.19 0.98 4.46
CA GLN A 83 14.99 1.81 4.34
C GLN A 83 15.33 3.25 4.03
N ASN A 84 16.46 3.75 4.56
CA ASN A 84 16.88 5.12 4.31
C ASN A 84 17.79 5.25 3.08
N TRP A 85 17.92 4.19 2.26
CA TRP A 85 18.66 4.09 1.00
C TRP A 85 20.17 3.93 1.22
N ASN A 86 20.62 3.83 2.46
CA ASN A 86 22.02 3.47 2.68
C ASN A 86 22.23 2.02 2.27
N ASP A 87 23.49 1.60 2.23
CA ASP A 87 23.76 0.20 1.89
C ASP A 87 23.13 -0.73 2.91
N TYR A 88 22.61 -1.87 2.44
CA TYR A 88 22.17 -2.92 3.34
C TYR A 88 23.40 -3.57 3.97
N ASP A 89 23.32 -3.83 5.30
CA ASP A 89 24.39 -4.53 6.02
C ASP A 89 23.98 -5.97 6.34
N PRO A 90 24.46 -6.97 5.61
CA PRO A 90 24.04 -8.36 5.87
C PRO A 90 24.67 -8.98 7.13
N THR A 91 25.54 -8.25 7.84
CA THR A 91 26.23 -8.83 9.00
C THR A 91 25.51 -8.60 10.32
N GLU A 92 24.45 -7.78 10.36
CA GLU A 92 23.75 -7.58 11.62
C GLU A 92 23.11 -8.88 12.10
N GLU A 93 22.98 -9.00 13.43
CA GLU A 93 22.51 -10.24 14.06
C GLU A 93 20.98 -10.27 14.12
N ILE A 94 20.40 -10.29 12.93
CA ILE A 94 18.95 -10.39 12.73
C ILE A 94 18.67 -11.41 11.63
N PRO A 95 17.43 -11.93 11.57
CA PRO A 95 17.13 -12.99 10.57
C PRO A 95 17.16 -12.48 9.13
N ALA A 96 16.86 -11.18 8.93
CA ALA A 96 16.57 -10.58 7.62
C ALA A 96 16.37 -9.09 7.92
N PRO A 97 16.33 -8.22 6.92
CA PRO A 97 16.05 -6.81 7.17
C PRO A 97 14.79 -6.68 8.02
N LEU A 98 14.80 -5.69 8.93
CA LEU A 98 13.62 -5.49 9.78
C LEU A 98 12.40 -5.23 8.87
N GLY A 99 11.28 -5.91 9.16
CA GLY A 99 10.01 -5.76 8.42
C GLY A 99 9.85 -6.73 7.27
N THR A 100 10.86 -7.58 7.00
CA THR A 100 10.74 -8.59 5.96
C THR A 100 9.54 -9.49 6.22
N PRO A 101 8.82 -9.94 5.17
CA PRO A 101 7.72 -10.88 5.40
C PRO A 101 8.17 -12.09 6.22
N ASP A 102 7.32 -12.54 7.13
CA ASP A 102 7.65 -13.68 8.00
C ASP A 102 6.73 -14.88 7.74
N PHE A 103 6.21 -15.01 6.54
CA PHE A 103 5.42 -16.18 6.19
C PHE A 103 5.68 -16.55 4.73
N VAL A 104 5.42 -17.83 4.39
CA VAL A 104 5.51 -18.30 3.00
C VAL A 104 4.19 -17.99 2.29
N GLY A 105 4.28 -17.23 1.19
CA GLY A 105 3.10 -16.88 0.41
C GLY A 105 3.50 -15.98 -0.74
N LYS A 106 2.48 -15.56 -1.48
CA LYS A 106 2.67 -14.67 -2.64
C LYS A 106 2.06 -13.31 -2.29
N ILE A 107 2.90 -12.30 -2.13
CA ILE A 107 2.47 -10.96 -1.74
C ILE A 107 2.48 -10.10 -2.99
N GLN A 108 1.30 -9.60 -3.35
CA GLN A 108 1.15 -8.79 -4.55
C GLN A 108 1.07 -7.31 -4.14
N GLY A 109 1.68 -6.48 -4.93
CA GLY A 109 1.64 -5.03 -4.68
C GLY A 109 2.11 -4.30 -5.94
N VAL A 110 2.81 -3.17 -5.75
CA VAL A 110 3.22 -2.33 -6.88
C VAL A 110 4.70 -2.00 -6.72
N LEU A 111 5.43 -2.16 -7.79
CA LEU A 111 6.83 -1.77 -7.85
C LEU A 111 6.86 -0.40 -8.53
N THR A 112 7.34 0.63 -7.82
CA THR A 112 7.42 2.00 -8.37
C THR A 112 8.89 2.42 -8.51
N GLN A 113 9.15 3.35 -9.43
CA GLN A 113 10.53 3.83 -9.64
C GLN A 113 10.51 5.29 -10.06
N THR A 114 11.55 6.02 -9.65
CA THR A 114 11.78 7.41 -10.06
C THR A 114 13.15 7.49 -10.70
N THR A 115 13.22 8.13 -11.87
CA THR A 115 14.51 8.43 -12.52
C THR A 115 15.03 9.76 -11.98
N ARG A 116 16.24 9.76 -11.40
CA ARG A 116 16.61 10.93 -10.62
C ARG A 116 16.91 12.15 -11.49
N THR A 117 17.29 11.95 -12.74
CA THR A 117 17.72 13.07 -13.57
C THR A 117 16.56 13.97 -14.00
N ASP A 118 15.39 13.41 -14.30
CA ASP A 118 14.26 14.23 -14.72
C ASP A 118 13.04 14.09 -13.81
N GLY A 119 13.11 13.23 -12.79
CA GLY A 119 11.93 13.00 -11.95
C GLY A 119 10.79 12.26 -12.64
N SER A 120 11.07 11.57 -13.76
CA SER A 120 10.03 10.76 -14.39
C SER A 120 9.79 9.51 -13.55
N THR A 121 8.56 8.97 -13.64
CA THR A 121 8.16 7.89 -12.73
C THR A 121 7.36 6.81 -13.46
N ARG A 122 7.29 5.64 -12.84
CA ARG A 122 6.61 4.50 -13.43
C ARG A 122 6.23 3.51 -12.34
N GLY A 123 5.19 2.71 -12.57
CA GLY A 123 4.73 1.77 -11.57
C GLY A 123 4.09 0.59 -12.24
N HIS A 124 4.34 -0.60 -11.71
CA HIS A 124 3.86 -1.84 -12.32
C HIS A 124 3.43 -2.82 -11.26
N LYS A 125 2.33 -3.55 -11.57
CA LYS A 125 1.95 -4.70 -10.75
C LYS A 125 3.12 -5.67 -10.55
N ALA A 126 3.28 -6.10 -9.31
CA ALA A 126 4.43 -6.93 -8.95
C ALA A 126 4.08 -7.91 -7.83
N THR A 127 4.64 -9.14 -7.95
CA THR A 127 4.40 -10.15 -6.91
C THR A 127 5.74 -10.71 -6.44
N VAL A 128 5.89 -10.84 -5.13
CA VAL A 128 7.06 -11.50 -4.55
C VAL A 128 6.62 -12.83 -3.98
N TYR A 129 7.40 -13.87 -4.30
CA TYR A 129 7.11 -15.27 -3.98
C TYR A 129 8.02 -15.66 -2.82
N THR A 130 7.51 -15.56 -1.59
CA THR A 130 8.44 -15.70 -0.46
C THR A 130 8.79 -17.15 -0.20
N GLY A 131 8.14 -18.08 -0.87
CA GLY A 131 8.54 -19.48 -0.83
C GLY A 131 9.44 -19.89 -1.99
N SER A 132 9.85 -18.94 -2.82
CA SER A 132 10.69 -19.21 -3.99
C SER A 132 12.10 -19.59 -3.56
N ALA A 133 12.76 -20.45 -4.35
CA ALA A 133 14.15 -20.81 -4.05
C ALA A 133 15.05 -19.58 -4.04
N ASP A 134 14.71 -18.53 -4.77
CA ASP A 134 15.59 -17.40 -4.91
C ASP A 134 15.24 -16.24 -3.97
N PHE A 135 14.21 -16.35 -3.15
CA PHE A 135 13.87 -15.34 -2.15
C PHE A 135 14.93 -15.37 -1.07
N ALA A 136 15.80 -14.36 -1.02
CA ALA A 136 16.95 -14.38 -0.12
C ALA A 136 17.19 -13.00 0.45
N PRO A 137 16.20 -12.42 1.14
CA PRO A 137 16.37 -11.06 1.67
C PRO A 137 17.53 -10.94 2.66
N LYS A 138 17.85 -12.00 3.42
CA LYS A 138 19.00 -11.88 4.31
C LYS A 138 20.29 -11.66 3.54
N LEU A 139 20.39 -12.21 2.32
CA LEU A 139 21.55 -11.96 1.47
C LEU A 139 21.41 -10.66 0.66
N GLY A 140 20.30 -9.95 0.80
CA GLY A 140 20.11 -8.70 0.07
C GLY A 140 19.46 -8.81 -1.28
N ARG A 141 18.84 -9.93 -1.60
CA ARG A 141 18.27 -10.14 -2.93
C ARG A 141 16.87 -10.74 -2.84
N VAL A 142 15.91 -10.11 -3.55
CA VAL A 142 14.60 -10.70 -3.80
C VAL A 142 14.24 -10.46 -5.27
N GLN A 143 13.27 -11.21 -5.76
CA GLN A 143 12.85 -11.05 -7.16
C GLN A 143 11.37 -10.69 -7.20
N PHE A 144 10.99 -9.85 -8.17
CA PHE A 144 9.60 -9.47 -8.38
C PHE A 144 9.17 -9.90 -9.76
N GLU A 145 8.02 -10.57 -9.84
CA GLU A 145 7.39 -10.89 -11.12
C GLU A 145 6.50 -9.71 -11.50
N THR A 146 6.70 -9.15 -12.70
CA THR A 146 5.96 -7.93 -13.06
C THR A 146 5.25 -8.13 -14.40
N ASP A 147 4.66 -7.05 -14.92
CA ASP A 147 4.04 -7.12 -16.24
C ASP A 147 4.85 -6.40 -17.31
N THR A 148 6.15 -6.18 -17.09
CA THR A 148 6.99 -5.53 -18.09
C THR A 148 8.33 -6.26 -18.18
N ASP A 149 8.91 -6.28 -19.38
CA ASP A 149 10.31 -6.66 -19.57
C ASP A 149 11.19 -5.50 -20.03
N ARG A 150 10.70 -4.27 -19.95
CA ARG A 150 11.51 -3.17 -20.48
C ARG A 150 11.42 -1.86 -19.73
N ASP A 151 10.46 -1.69 -18.81
CA ASP A 151 10.19 -0.32 -18.37
C ASP A 151 11.08 0.13 -17.20
N PHE A 152 11.58 -0.77 -16.35
CA PHE A 152 12.36 -0.34 -15.19
C PHE A 152 13.82 -0.10 -15.55
N GLU A 153 14.38 1.00 -15.10
CA GLU A 153 15.76 1.34 -15.40
C GLU A 153 16.68 0.79 -14.33
N ALA A 154 17.94 0.56 -14.71
CA ALA A 154 18.98 0.17 -13.74
C ALA A 154 19.51 1.38 -12.98
N ASN A 155 20.09 1.13 -11.80
CA ASN A 155 20.66 2.21 -10.94
C ASN A 155 19.70 3.38 -10.70
N GLN A 156 18.42 3.07 -10.46
CA GLN A 156 17.43 4.06 -10.07
C GLN A 156 16.64 3.54 -8.88
N ASN A 157 16.33 4.43 -7.92
CA ASN A 157 15.61 4.03 -6.72
C ASN A 157 14.26 3.40 -7.05
N THR A 158 14.01 2.19 -6.48
CA THR A 158 12.82 1.40 -6.77
C THR A 158 12.22 0.91 -5.45
N LYS A 159 10.89 0.93 -5.34
CA LYS A 159 10.22 0.56 -4.09
C LYS A 159 9.12 -0.44 -4.37
N PHE A 160 8.96 -1.45 -3.49
CA PHE A 160 7.74 -2.28 -3.53
C PHE A 160 6.82 -1.93 -2.36
N THR A 161 5.54 -1.63 -2.67
CA THR A 161 4.48 -1.35 -1.69
C THR A 161 3.58 -2.57 -1.69
N PRO A 162 3.42 -3.26 -0.58
CA PRO A 162 2.54 -4.44 -0.56
C PRO A 162 1.07 -4.04 -0.52
N VAL A 163 0.21 -4.89 -1.12
CA VAL A 163 -1.24 -4.69 -1.08
C VAL A 163 -1.93 -5.89 -0.44
N GLY A 164 -1.66 -7.08 -0.93
CA GLY A 164 -2.41 -8.25 -0.50
C GLY A 164 -1.73 -9.54 -0.92
N VAL A 165 -2.50 -10.64 -0.89
CA VAL A 165 -1.96 -11.97 -1.15
C VAL A 165 -2.78 -12.62 -2.26
N ILE A 166 -2.18 -13.62 -2.91
CA ILE A 166 -2.84 -14.34 -3.99
C ILE A 166 -2.71 -15.85 -3.77
N GLN A 167 -3.53 -16.58 -4.52
CA GLN A 167 -3.51 -18.06 -4.51
C GLN A 167 -3.77 -18.52 -5.95
N ASP A 168 -3.03 -19.55 -6.39
CA ASP A 168 -3.05 -19.99 -7.78
C ASP A 168 -3.59 -21.40 -7.93
N GLY A 169 -4.26 -21.92 -6.91
CA GLY A 169 -4.90 -23.22 -6.98
C GLY A 169 -4.24 -24.24 -6.08
N GLY A 170 -4.94 -25.37 -5.94
CA GLY A 170 -4.39 -26.52 -5.24
C GLY A 170 -5.47 -27.54 -5.02
N THR A 171 -5.22 -28.47 -4.09
CA THR A 171 -6.24 -29.49 -3.81
C THR A 171 -7.46 -28.87 -3.12
N THR A 172 -7.29 -27.71 -2.48
CA THR A 172 -8.37 -27.01 -1.79
C THR A 172 -8.15 -25.50 -1.94
N HIS A 173 -9.23 -24.76 -1.77
CA HIS A 173 -9.10 -23.32 -1.53
C HIS A 173 -8.31 -23.06 -0.25
N ARG A 174 -7.72 -21.85 -0.15
CA ARG A 174 -7.11 -21.38 1.10
C ARG A 174 -5.92 -22.25 1.52
N ASN A 175 -5.23 -22.88 0.56
CA ASN A 175 -4.04 -23.66 0.84
C ASN A 175 -2.77 -22.80 0.95
N GLU A 176 -2.85 -21.51 0.62
CA GLU A 176 -1.75 -20.56 0.73
C GLU A 176 -2.38 -19.19 0.88
N PRO A 177 -1.69 -18.21 1.49
CA PRO A 177 -0.41 -18.31 2.23
C PRO A 177 -0.47 -19.30 3.39
N GLN A 178 0.71 -19.58 3.94
CA GLN A 178 0.88 -20.45 5.10
C GLN A 178 1.47 -19.54 6.19
N GLN A 179 0.61 -18.91 6.98
CA GLN A 179 1.08 -17.82 7.83
C GLN A 179 2.01 -18.28 8.94
N TRP A 180 2.03 -19.58 9.27
CA TRP A 180 2.90 -20.05 10.33
C TRP A 180 4.14 -20.77 9.80
N VAL A 181 4.39 -20.72 8.50
CA VAL A 181 5.60 -21.29 7.92
C VAL A 181 6.57 -20.14 7.62
N LEU A 182 7.71 -20.12 8.33
CA LEU A 182 8.71 -19.08 8.04
C LEU A 182 9.35 -19.32 6.67
N PRO A 183 9.69 -18.25 5.96
CA PRO A 183 10.51 -18.38 4.75
C PRO A 183 11.92 -18.82 5.12
N SER A 184 12.66 -19.27 4.09
CA SER A 184 14.11 -19.46 4.20
C SER A 184 14.74 -18.12 3.81
N TYR A 185 15.17 -17.36 4.81
CA TYR A 185 15.55 -15.97 4.55
C TYR A 185 16.78 -15.80 3.66
N SER A 186 17.69 -16.81 3.58
CA SER A 186 18.82 -16.71 2.67
C SER A 186 18.65 -17.59 1.43
N GLY A 187 17.40 -17.96 1.08
CA GLY A 187 17.14 -18.83 -0.07
C GLY A 187 17.16 -20.32 0.24
N ARG A 188 16.94 -21.12 -0.82
CA ARG A 188 16.80 -22.57 -0.66
C ARG A 188 18.01 -23.17 0.05
N ASN A 189 17.74 -24.13 0.96
CA ASN A 189 18.77 -24.93 1.64
CA ASN A 189 18.84 -24.91 1.56
C ASN A 189 19.75 -24.05 2.43
N THR A 190 19.20 -23.19 3.28
CA THR A 190 20.01 -22.35 4.15
C THR A 190 19.45 -22.35 5.57
N HIS A 191 20.32 -21.97 6.52
CA HIS A 191 19.97 -21.85 7.94
C HIS A 191 19.41 -20.45 8.23
N ASN A 192 18.19 -20.39 8.76
CA ASN A 192 17.73 -19.12 9.36
C ASN A 192 18.51 -18.86 10.67
N VAL A 193 18.75 -17.56 10.96
CA VAL A 193 19.54 -17.19 12.14
C VAL A 193 18.86 -16.11 12.97
N HIS A 194 19.20 -16.10 14.26
CA HIS A 194 18.78 -15.00 15.16
C HIS A 194 17.26 -14.86 15.27
N LEU A 195 16.55 -15.98 15.20
CA LEU A 195 15.08 -15.95 15.25
C LEU A 195 14.58 -15.64 16.65
N ALA A 196 13.49 -14.87 16.73
CA ALA A 196 12.68 -14.88 17.94
C ALA A 196 12.11 -16.28 18.16
N PRO A 197 11.98 -16.75 19.41
CA PRO A 197 11.65 -18.17 19.61
C PRO A 197 10.19 -18.49 19.29
N ALA A 198 9.94 -19.77 19.05
CA ALA A 198 8.58 -20.25 18.98
C ALA A 198 7.87 -20.05 20.31
N VAL A 199 6.54 -19.89 20.25
CA VAL A 199 5.73 -19.67 21.45
C VAL A 199 4.65 -20.75 21.52
N ALA A 200 4.31 -21.13 22.77
CA ALA A 200 3.25 -22.10 23.02
C ALA A 200 2.70 -21.90 24.42
N PRO A 201 1.41 -22.13 24.64
CA PRO A 201 0.91 -22.10 26.02
C PRO A 201 1.60 -23.23 26.80
N THR A 202 2.01 -22.94 28.02
CA THR A 202 2.60 -23.94 28.91
C THR A 202 1.69 -24.32 30.08
N PHE A 203 0.63 -23.59 30.31
CA PHE A 203 -0.24 -23.79 31.46
C PHE A 203 -1.44 -24.62 31.06
N PRO A 204 -1.84 -25.62 31.84
CA PRO A 204 -2.95 -26.48 31.40
C PRO A 204 -4.24 -25.70 31.19
N GLY A 205 -4.94 -26.04 30.08
CA GLY A 205 -6.18 -25.40 29.71
C GLY A 205 -6.04 -24.07 28.98
N GLU A 206 -4.80 -23.62 28.72
CA GLU A 206 -4.61 -22.31 28.08
C GLU A 206 -4.34 -22.47 26.59
N GLN A 207 -4.69 -21.42 25.84
CA GLN A 207 -4.41 -21.28 24.40
C GLN A 207 -3.85 -19.89 24.17
N LEU A 208 -3.12 -19.72 23.08
CA LEU A 208 -2.71 -18.38 22.67
C LEU A 208 -3.95 -17.53 22.36
N LEU A 209 -3.87 -16.22 22.64
CA LEU A 209 -4.83 -15.24 22.14
C LEU A 209 -4.20 -14.48 20.98
N PHE A 210 -4.87 -14.48 19.82
CA PHE A 210 -4.32 -13.90 18.60
C PHE A 210 -5.03 -12.60 18.29
N PHE A 211 -4.27 -11.61 17.80
CA PHE A 211 -4.79 -10.33 17.33
C PHE A 211 -4.90 -10.46 15.81
N ARG A 212 -6.13 -10.53 15.30
CA ARG A 212 -6.39 -11.04 13.95
C ARG A 212 -6.87 -9.95 12.97
N SER A 213 -6.36 -10.03 11.74
CA SER A 213 -6.79 -9.25 10.59
C SER A 213 -7.08 -10.16 9.41
N THR A 214 -7.66 -9.57 8.37
CA THR A 214 -7.89 -10.25 7.09
C THR A 214 -7.10 -9.50 6.02
N MET A 215 -6.12 -10.17 5.42
CA MET A 215 -5.23 -9.54 4.44
C MET A 215 -6.07 -9.37 3.17
N PRO A 216 -5.98 -8.26 2.45
CA PRO A 216 -6.64 -8.22 1.13
C PRO A 216 -6.18 -9.38 0.26
N GLY A 217 -7.11 -9.88 -0.55
CA GLY A 217 -6.79 -10.86 -1.58
C GLY A 217 -6.84 -10.23 -2.95
N CYS A 218 -5.84 -10.53 -3.79
CA CYS A 218 -5.73 -9.93 -5.11
C CYS A 218 -6.04 -10.87 -6.27
N SER A 219 -6.12 -12.19 -6.02
CA SER A 219 -6.52 -13.16 -7.04
C SER A 219 -6.57 -14.56 -6.43
N GLY A 220 -7.43 -15.42 -6.97
CA GLY A 220 -7.54 -16.77 -6.43
C GLY A 220 -8.36 -16.83 -5.14
N TYR A 221 -8.13 -17.92 -4.41
CA TYR A 221 -8.85 -18.20 -3.16
C TYR A 221 -7.87 -18.30 -2.01
N PRO A 222 -7.20 -17.20 -1.68
CA PRO A 222 -6.17 -17.27 -0.65
C PRO A 222 -6.73 -17.41 0.74
N ASN A 223 -5.90 -17.94 1.64
CA ASN A 223 -6.18 -17.87 3.06
C ASN A 223 -5.73 -16.51 3.56
N MET A 224 -6.67 -15.66 3.89
CA MET A 224 -6.36 -14.27 4.19
C MET A 224 -6.25 -14.02 5.71
N ASP A 225 -6.40 -15.06 6.55
CA ASP A 225 -6.26 -14.87 8.00
C ASP A 225 -4.84 -14.47 8.36
N LEU A 226 -4.69 -13.45 9.22
CA LEU A 226 -3.34 -13.10 9.66
C LEU A 226 -3.38 -12.76 11.14
N ASP A 227 -2.73 -13.60 11.94
CA ASP A 227 -2.71 -13.50 13.40
C ASP A 227 -1.36 -12.98 13.88
N CYS A 228 -1.37 -11.94 14.72
CA CYS A 228 -0.12 -11.51 15.34
C CYS A 228 -0.22 -11.70 16.85
N LEU A 229 0.94 -11.80 17.51
CA LEU A 229 0.98 -12.07 18.95
C LEU A 229 0.81 -10.80 19.78
N LEU A 230 1.15 -9.63 19.20
CA LEU A 230 1.04 -8.32 19.84
C LEU A 230 0.57 -7.33 18.80
N PRO A 231 -0.37 -6.43 19.11
CA PRO A 231 -0.61 -5.30 18.19
C PRO A 231 0.66 -4.50 17.99
N GLN A 232 0.76 -3.88 16.81
CA GLN A 232 1.92 -3.04 16.55
C GLN A 232 2.03 -1.92 17.58
N GLU A 233 0.89 -1.40 18.06
CA GLU A 233 0.90 -0.30 19.02
C GLU A 233 1.45 -0.78 20.38
N TRP A 234 1.28 -2.06 20.68
CA TRP A 234 1.88 -2.58 21.91
C TRP A 234 3.40 -2.68 21.80
N VAL A 235 3.92 -3.14 20.65
CA VAL A 235 5.35 -3.05 20.39
C VAL A 235 5.83 -1.60 20.57
N GLN A 236 5.13 -0.63 19.95
CA GLN A 236 5.60 0.76 20.01
C GLN A 236 5.60 1.26 21.45
N TYR A 237 4.58 0.87 22.22
CA TYR A 237 4.42 1.34 23.58
C TYR A 237 5.46 0.74 24.52
N PHE A 238 5.65 -0.58 24.47
CA PHE A 238 6.67 -1.22 25.31
C PHE A 238 8.05 -0.67 25.00
N TYR A 239 8.35 -0.46 23.72
CA TYR A 239 9.63 0.12 23.36
C TYR A 239 9.83 1.49 24.02
N GLN A 240 8.79 2.31 23.98
CA GLN A 240 8.86 3.66 24.54
C GLN A 240 8.90 3.65 26.07
N GLU A 241 8.07 2.83 26.71
CA GLU A 241 7.94 2.82 28.17
C GLU A 241 9.10 2.12 28.86
N ALA A 242 9.51 0.98 28.31
CA ALA A 242 10.58 0.13 28.86
C ALA A 242 10.45 -0.06 30.37
N ALA A 243 9.25 -0.40 30.78
CA ALA A 243 8.97 -0.64 32.20
C ALA A 243 9.47 -2.03 32.60
N PRO A 244 10.22 -2.16 33.70
CA PRO A 244 10.73 -3.49 34.08
C PRO A 244 9.62 -4.45 34.43
N ALA A 245 9.82 -5.72 34.09
CA ALA A 245 8.84 -6.75 34.42
C ALA A 245 9.04 -7.20 35.86
N GLN A 246 7.98 -7.19 36.67
CA GLN A 246 8.14 -7.56 38.07
C GLN A 246 7.98 -9.05 38.30
N SER A 247 7.43 -9.78 37.32
CA SER A 247 7.33 -11.23 37.27
C SER A 247 7.31 -11.63 35.80
N ASP A 248 7.14 -12.91 35.53
CA ASP A 248 7.12 -13.32 34.12
C ASP A 248 5.75 -13.16 33.48
N VAL A 249 4.71 -12.80 34.25
CA VAL A 249 3.33 -12.85 33.74
C VAL A 249 2.59 -11.63 34.23
N ALA A 250 2.07 -10.82 33.28
CA ALA A 250 1.22 -9.66 33.59
C ALA A 250 -0.25 -10.03 33.39
N LEU A 251 -1.08 -9.83 34.43
CA LEU A 251 -2.51 -10.14 34.33
C LEU A 251 -3.26 -8.94 33.73
N LEU A 252 -3.91 -9.14 32.59
CA LEU A 252 -4.70 -8.08 31.97
C LEU A 252 -6.19 -8.41 32.07
N ARG A 253 -7.01 -7.38 32.26
CA ARG A 253 -8.46 -7.49 32.16
C ARG A 253 -8.96 -6.72 30.95
N PHE A 254 -9.85 -7.33 30.15
CA PHE A 254 -10.49 -6.68 29.01
C PHE A 254 -11.78 -6.05 29.54
N VAL A 255 -11.87 -4.73 29.46
CA VAL A 255 -12.90 -3.97 30.20
C VAL A 255 -13.76 -3.12 29.25
N ASN A 256 -15.06 -3.04 29.57
CA ASN A 256 -15.95 -2.08 28.89
C ASN A 256 -15.90 -0.74 29.62
N PRO A 257 -15.41 0.34 29.01
CA PRO A 257 -15.18 1.57 29.78
C PRO A 257 -16.46 2.29 30.14
N ASP A 258 -17.59 1.92 29.55
CA ASP A 258 -18.85 2.59 29.83
C ASP A 258 -19.44 2.10 31.12
N THR A 259 -19.35 0.79 31.33
CA THR A 259 -19.90 0.11 32.51
C THR A 259 -18.83 -0.30 33.51
N GLY A 260 -17.57 -0.34 33.13
CA GLY A 260 -16.55 -0.92 33.98
C GLY A 260 -16.61 -2.43 34.08
N ARG A 261 -17.46 -3.07 33.31
CA ARG A 261 -17.60 -4.53 33.35
C ARG A 261 -16.37 -5.20 32.74
N VAL A 262 -15.84 -6.22 33.42
CA VAL A 262 -14.71 -6.99 32.89
C VAL A 262 -15.29 -8.12 32.06
N LEU A 263 -14.87 -8.22 30.81
CA LEU A 263 -15.39 -9.25 29.91
C LEU A 263 -14.59 -10.55 30.05
N PHE A 264 -13.27 -10.45 30.18
CA PHE A 264 -12.43 -11.64 30.34
C PHE A 264 -11.08 -11.17 30.86
N GLU A 265 -10.30 -12.13 31.34
CA GLU A 265 -8.92 -11.81 31.71
C GLU A 265 -7.96 -12.74 30.97
N CYS A 266 -6.70 -12.33 30.92
CA CYS A 266 -5.72 -13.04 30.12
C CYS A 266 -4.33 -12.76 30.66
N LYS A 267 -3.36 -13.55 30.20
CA LYS A 267 -1.98 -13.42 30.65
C LYS A 267 -1.14 -12.83 29.53
N LEU A 268 -0.44 -11.74 29.83
CA LEU A 268 0.58 -11.19 28.92
C LEU A 268 1.95 -11.63 29.43
N HIS A 269 2.59 -12.53 28.70
CA HIS A 269 3.88 -13.08 29.14
C HIS A 269 4.98 -12.08 28.84
N LYS A 270 5.99 -12.03 29.74
CA LYS A 270 7.05 -11.03 29.62
C LYS A 270 7.76 -11.12 28.27
N SER A 271 7.87 -12.32 27.69
CA SER A 271 8.57 -12.44 26.42
C SER A 271 7.71 -12.00 25.24
N GLY A 272 6.44 -11.63 25.49
CA GLY A 272 5.64 -10.92 24.47
C GLY A 272 4.60 -11.76 23.74
N TYR A 273 3.67 -12.37 24.47
CA TYR A 273 2.54 -13.05 23.85
C TYR A 273 1.47 -13.18 24.92
N VAL A 274 0.26 -13.50 24.48
CA VAL A 274 -0.92 -13.52 25.36
C VAL A 274 -1.57 -14.92 25.37
N THR A 275 -1.98 -15.39 26.57
CA THR A 275 -2.78 -16.62 26.63
C THR A 275 -4.09 -16.38 27.38
N VAL A 276 -5.10 -17.22 27.06
CA VAL A 276 -6.41 -17.23 27.71
C VAL A 276 -6.74 -18.66 28.13
N ALA A 277 -7.69 -18.79 29.06
CA ALA A 277 -8.15 -20.11 29.48
C ALA A 277 -9.35 -20.48 28.62
N HIS A 278 -9.11 -21.29 27.60
CA HIS A 278 -10.15 -21.72 26.68
C HIS A 278 -9.68 -22.95 25.92
N THR A 279 -10.63 -23.83 25.59
CA THR A 279 -10.36 -24.97 24.73
C THR A 279 -11.26 -24.88 23.50
N GLY A 280 -10.64 -24.83 22.32
CA GLY A 280 -11.34 -24.79 21.04
C GLY A 280 -11.08 -23.50 20.27
N GLN A 281 -11.50 -23.54 19.00
CA GLN A 281 -11.49 -22.31 18.20
C GLN A 281 -12.67 -21.43 18.55
N HIS A 282 -12.41 -20.12 18.75
CA HIS A 282 -13.45 -19.18 19.16
C HIS A 282 -13.13 -17.77 18.69
N ASP A 283 -14.07 -17.16 17.97
CA ASP A 283 -14.05 -15.73 17.68
C ASP A 283 -14.62 -14.98 18.89
N LEU A 284 -13.81 -14.16 19.53
CA LEU A 284 -14.30 -13.43 20.69
C LEU A 284 -15.31 -12.38 20.28
N VAL A 285 -16.42 -12.28 21.04
CA VAL A 285 -17.40 -11.22 20.88
C VAL A 285 -17.13 -10.14 21.93
N ILE A 286 -16.74 -8.97 21.48
CA ILE A 286 -16.34 -7.91 22.40
C ILE A 286 -17.12 -6.62 22.10
N PRO A 287 -17.32 -5.76 23.11
CA PRO A 287 -17.79 -4.41 22.84
C PRO A 287 -16.73 -3.65 22.07
N PRO A 288 -17.12 -2.90 21.03
CA PRO A 288 -16.11 -2.24 20.18
C PRO A 288 -15.31 -1.17 20.90
N ASN A 289 -15.81 -0.61 22.01
CA ASN A 289 -15.05 0.34 22.80
C ASN A 289 -14.25 -0.32 23.93
N GLY A 290 -14.19 -1.67 24.00
CA GLY A 290 -13.44 -2.32 25.07
C GLY A 290 -11.94 -2.15 24.91
N TYR A 291 -11.18 -2.28 26.01
CA TYR A 291 -9.73 -2.17 25.90
C TYR A 291 -9.09 -3.06 26.98
N PHE A 292 -7.79 -3.28 26.84
CA PHE A 292 -7.03 -4.08 27.82
C PHE A 292 -6.48 -3.18 28.93
N ARG A 293 -6.49 -3.72 30.15
CA ARG A 293 -6.03 -2.98 31.32
C ARG A 293 -5.12 -3.88 32.15
N PHE A 294 -3.88 -3.45 32.39
CA PHE A 294 -2.96 -4.18 33.27
C PHE A 294 -3.38 -4.02 34.73
N ASP A 295 -3.57 -5.14 35.43
CA ASP A 295 -4.04 -5.11 36.82
C ASP A 295 -3.00 -5.61 37.81
N SER A 296 -2.19 -6.60 37.47
CA SER A 296 -1.26 -7.12 38.46
C SER A 296 -0.19 -7.99 37.81
N TRP A 297 1.02 -7.95 38.38
CA TRP A 297 2.00 -9.00 38.13
C TRP A 297 1.60 -10.23 38.93
N VAL A 298 1.62 -11.42 38.31
CA VAL A 298 1.24 -12.65 38.99
C VAL A 298 2.34 -13.69 38.86
N ASN A 299 2.32 -14.69 39.76
CA ASN A 299 3.33 -15.74 39.76
C ASN A 299 3.02 -16.79 38.69
N GLN A 300 3.73 -17.92 38.74
CA GLN A 300 3.67 -18.91 37.68
C GLN A 300 2.49 -19.87 37.79
N PHE A 301 1.74 -19.84 38.89
CA PHE A 301 0.64 -20.79 39.08
C PHE A 301 -0.72 -20.11 39.04
N TYR A 302 -0.82 -18.91 38.47
CA TYR A 302 -2.11 -18.27 38.39
C TYR A 302 -3.04 -18.97 37.40
N THR A 303 -4.22 -19.35 37.88
CA THR A 303 -5.25 -19.90 37.03
C THR A 303 -6.19 -18.79 36.59
N LEU A 304 -6.33 -18.60 35.27
CA LEU A 304 -7.25 -17.61 34.75
C LEU A 304 -8.70 -18.10 34.86
N ALA A 305 -9.61 -17.16 35.11
CA ALA A 305 -11.02 -17.42 34.91
C ALA A 305 -11.32 -17.83 33.47
N PRO A 306 -12.14 -18.86 33.26
CA PRO A 306 -12.47 -19.27 31.89
C PRO A 306 -12.95 -18.10 31.03
N MET A 307 -12.44 -18.07 29.80
CA MET A 307 -12.71 -17.05 28.80
C MET A 307 -14.11 -17.24 28.24
N GLN B 1 17.11 -17.45 -11.72
CA GLN B 1 17.76 -18.72 -11.47
C GLN B 1 16.84 -19.91 -11.77
N VAL B 2 15.68 -20.04 -11.11
CA VAL B 2 14.73 -21.06 -11.54
C VAL B 2 14.20 -20.69 -12.93
N GLN B 3 14.12 -21.69 -13.83
CA GLN B 3 13.51 -21.48 -15.14
C GLN B 3 12.48 -22.58 -15.39
N LEU B 4 11.33 -22.18 -15.94
CA LEU B 4 10.25 -23.11 -16.29
C LEU B 4 9.82 -22.83 -17.72
N GLN B 5 9.75 -23.86 -18.56
CA GLN B 5 9.54 -23.65 -20.00
C GLN B 5 8.60 -24.73 -20.53
N GLU B 6 7.36 -24.32 -20.84
CA GLU B 6 6.33 -25.24 -21.29
C GLU B 6 6.29 -25.31 -22.82
N SER B 7 5.87 -26.48 -23.32
CA SER B 7 5.63 -26.67 -24.75
C SER B 7 4.59 -27.77 -24.95
N GLY B 8 4.11 -27.89 -26.21
CA GLY B 8 3.21 -28.96 -26.59
C GLY B 8 1.75 -28.60 -26.71
N GLY B 9 1.36 -27.36 -26.39
CA GLY B 9 -0.02 -26.96 -26.56
C GLY B 9 -0.38 -26.86 -28.04
N GLY B 10 -1.68 -26.71 -28.31
CA GLY B 10 -2.12 -26.61 -29.69
C GLY B 10 -3.64 -26.57 -29.76
N LEU B 11 -4.13 -26.57 -31.00
CA LEU B 11 -5.56 -26.63 -31.27
C LEU B 11 -5.93 -28.08 -31.59
N VAL B 12 -6.95 -28.59 -30.93
CA VAL B 12 -7.45 -29.94 -31.19
C VAL B 12 -8.96 -29.92 -31.16
N GLN B 13 -9.54 -30.95 -31.76
CA GLN B 13 -10.99 -31.10 -31.74
C GLN B 13 -11.41 -31.76 -30.44
N ALA B 14 -12.64 -31.45 -30.02
CA ALA B 14 -13.22 -32.12 -28.86
C ALA B 14 -13.02 -33.62 -29.00
N GLY B 15 -12.45 -34.23 -27.96
CA GLY B 15 -12.16 -35.64 -27.95
C GLY B 15 -10.73 -35.99 -28.29
N GLY B 16 -9.92 -35.03 -28.76
CA GLY B 16 -8.54 -35.29 -29.12
C GLY B 16 -7.58 -35.28 -27.94
N SER B 17 -6.28 -35.37 -28.27
CA SER B 17 -5.21 -35.51 -27.29
C SER B 17 -4.09 -34.50 -27.54
N LEU B 18 -3.45 -34.09 -26.45
CA LEU B 18 -2.20 -33.34 -26.52
C LEU B 18 -1.24 -33.89 -25.47
N ARG B 19 0.06 -33.65 -25.68
CA ARG B 19 1.06 -33.98 -24.66
C ARG B 19 1.84 -32.71 -24.32
N LEU B 20 1.65 -32.20 -23.11
CA LEU B 20 2.44 -31.06 -22.67
C LEU B 20 3.75 -31.48 -22.03
N SER B 21 4.78 -30.65 -22.22
CA SER B 21 6.10 -30.82 -21.62
C SER B 21 6.50 -29.59 -20.84
N CYS B 22 7.29 -29.79 -19.79
CA CYS B 22 7.82 -28.66 -19.01
C CYS B 22 9.27 -28.95 -18.60
N ALA B 23 10.18 -28.10 -19.08
CA ALA B 23 11.60 -28.18 -18.76
C ALA B 23 11.90 -27.25 -17.59
N ALA B 24 12.42 -27.80 -16.50
CA ALA B 24 12.69 -27.05 -15.26
C ALA B 24 14.19 -27.07 -14.98
N SER B 25 14.75 -25.89 -14.68
CA SER B 25 16.14 -25.82 -14.29
C SER B 25 16.29 -24.84 -13.13
N GLY B 26 17.45 -24.86 -12.50
CA GLY B 26 17.72 -23.98 -11.38
C GLY B 26 17.44 -24.56 -10.01
N THR B 27 16.95 -25.81 -9.94
CA THR B 27 16.71 -26.48 -8.66
C THR B 27 17.37 -27.84 -8.69
N ILE B 28 17.18 -28.59 -7.61
CA ILE B 28 17.59 -29.99 -7.57
C ILE B 28 16.35 -30.76 -8.01
N PHE B 29 16.24 -30.99 -9.32
CA PHE B 29 14.99 -31.50 -9.90
C PHE B 29 14.48 -32.75 -9.18
N SER B 30 15.38 -33.66 -8.82
CA SER B 30 14.96 -34.96 -8.33
C SER B 30 14.30 -34.90 -6.96
N ILE B 31 14.56 -33.86 -6.16
CA ILE B 31 13.94 -33.79 -4.84
C ILE B 31 12.68 -32.92 -4.82
N ASP B 32 12.36 -32.24 -5.93
CA ASP B 32 11.21 -31.35 -6.04
C ASP B 32 9.94 -32.12 -6.41
N ALA B 33 8.80 -31.64 -5.88
CA ALA B 33 7.49 -31.99 -6.41
C ALA B 33 7.07 -30.94 -7.44
N PHE B 34 6.25 -31.35 -8.40
CA PHE B 34 5.84 -30.45 -9.46
C PHE B 34 4.33 -30.49 -9.65
N GLY B 35 3.79 -29.41 -10.21
CA GLY B 35 2.38 -29.36 -10.50
C GLY B 35 2.13 -28.78 -11.88
N TRP B 36 0.97 -29.15 -12.45
CA TRP B 36 0.43 -28.48 -13.62
C TRP B 36 -0.77 -27.63 -13.20
N TYR B 37 -0.88 -26.43 -13.81
CA TYR B 37 -1.93 -25.45 -13.52
C TYR B 37 -2.47 -24.91 -14.85
N ARG B 38 -3.63 -24.25 -14.80
CA ARG B 38 -4.19 -23.70 -16.03
C ARG B 38 -5.01 -22.45 -15.73
N GLN B 39 -5.05 -21.54 -16.70
CA GLN B 39 -5.91 -20.37 -16.52
C GLN B 39 -6.50 -19.96 -17.85
N ALA B 40 -7.86 -19.82 -17.87
CA ALA B 40 -8.58 -19.29 -19.02
C ALA B 40 -8.88 -17.80 -18.82
N PRO B 41 -9.00 -17.03 -19.90
CA PRO B 41 -9.23 -15.59 -19.76
C PRO B 41 -10.43 -15.28 -18.88
N GLY B 42 -10.27 -14.34 -17.96
CA GLY B 42 -11.37 -13.96 -17.09
C GLY B 42 -11.72 -14.93 -15.97
N LYS B 43 -10.96 -16.00 -15.79
CA LYS B 43 -11.20 -16.97 -14.72
C LYS B 43 -10.01 -17.05 -13.79
N GLN B 44 -10.22 -17.68 -12.64
CA GLN B 44 -9.11 -17.88 -11.70
C GLN B 44 -8.19 -18.99 -12.21
N ARG B 45 -6.88 -18.83 -11.94
CA ARG B 45 -5.91 -19.88 -12.23
C ARG B 45 -6.18 -21.06 -11.29
N GLU B 46 -6.08 -22.29 -11.81
CA GLU B 46 -6.45 -23.46 -11.01
C GLU B 46 -5.44 -24.58 -11.23
N TRP B 47 -5.29 -25.40 -10.18
CA TRP B 47 -4.41 -26.55 -10.20
C TRP B 47 -5.06 -27.72 -10.93
N VAL B 48 -4.23 -28.52 -11.64
CA VAL B 48 -4.68 -29.61 -12.50
C VAL B 48 -4.18 -30.96 -12.00
N ALA B 49 -2.89 -31.06 -11.69
CA ALA B 49 -2.25 -32.34 -11.39
C ALA B 49 -0.96 -32.09 -10.62
N GLY B 50 -0.58 -33.05 -9.77
CA GLY B 50 0.65 -32.94 -9.01
C GLY B 50 1.39 -34.27 -8.97
N ILE B 51 2.71 -34.19 -8.81
CA ILE B 51 3.55 -35.38 -8.72
C ILE B 51 4.64 -35.16 -7.67
N THR B 52 4.83 -36.15 -6.78
CA THR B 52 5.86 -36.07 -5.75
C THR B 52 7.23 -36.47 -6.33
N SER B 53 8.29 -36.20 -5.55
CA SER B 53 9.61 -36.68 -5.94
C SER B 53 9.63 -38.21 -6.04
N GLY B 54 8.72 -38.89 -5.34
CA GLY B 54 8.52 -40.32 -5.46
C GLY B 54 7.67 -40.77 -6.63
N SER B 55 7.19 -39.84 -7.46
CA SER B 55 6.40 -40.12 -8.66
C SER B 55 4.98 -40.61 -8.36
N SER B 56 4.49 -40.36 -7.15
CA SER B 56 3.08 -40.54 -6.86
C SER B 56 2.29 -39.37 -7.43
N THR B 57 1.08 -39.64 -7.90
CA THR B 57 0.30 -38.64 -8.61
C THR B 57 -1.04 -38.38 -7.92
N ILE B 58 -1.61 -37.21 -8.23
CA ILE B 58 -2.89 -36.75 -7.70
C ILE B 58 -3.46 -35.72 -8.67
N TYR B 59 -4.78 -35.72 -8.84
CA TYR B 59 -5.42 -34.94 -9.88
C TYR B 59 -6.57 -34.11 -9.33
N ALA B 60 -6.87 -32.99 -10.01
CA ALA B 60 -8.05 -32.22 -9.66
C ALA B 60 -9.32 -33.00 -10.01
N ASP B 61 -10.44 -32.57 -9.40
CA ASP B 61 -11.70 -33.26 -9.58
C ASP B 61 -12.15 -33.30 -11.04
N PHE B 62 -11.80 -32.28 -11.83
CA PHE B 62 -12.30 -32.22 -13.20
C PHE B 62 -11.49 -33.06 -14.17
N VAL B 63 -10.37 -33.64 -13.75
CA VAL B 63 -9.57 -34.45 -14.65
C VAL B 63 -10.29 -35.75 -14.97
N LYS B 64 -10.77 -36.44 -13.94
CA LYS B 64 -11.63 -37.62 -14.12
C LYS B 64 -10.96 -38.67 -15.02
N GLY B 65 -9.70 -38.98 -14.70
CA GLY B 65 -8.95 -40.04 -15.34
C GLY B 65 -8.44 -39.75 -16.73
N ARG B 66 -8.62 -38.53 -17.24
CA ARG B 66 -8.28 -38.26 -18.63
C ARG B 66 -6.85 -37.76 -18.83
N PHE B 67 -6.21 -37.21 -17.80
CA PHE B 67 -4.84 -36.70 -17.89
C PHE B 67 -3.91 -37.53 -17.02
N THR B 68 -2.64 -37.61 -17.44
CA THR B 68 -1.60 -38.31 -16.72
C THR B 68 -0.38 -37.39 -16.59
N ILE B 69 0.05 -37.15 -15.34
CA ILE B 69 1.27 -36.40 -15.07
C ILE B 69 2.36 -37.42 -14.83
N SER B 70 3.54 -37.13 -15.36
CA SER B 70 4.72 -37.98 -15.15
C SER B 70 5.94 -37.07 -15.14
N ARG B 71 7.09 -37.66 -14.85
CA ARG B 71 8.35 -36.95 -14.78
C ARG B 71 9.46 -37.83 -15.34
N ASP B 72 10.49 -37.19 -15.90
CA ASP B 72 11.73 -37.84 -16.34
C ASP B 72 12.86 -37.09 -15.64
N ASN B 73 13.33 -37.60 -14.49
CA ASN B 73 14.40 -36.93 -13.77
C ASN B 73 15.66 -36.78 -14.61
N ALA B 74 15.93 -37.76 -15.47
CA ALA B 74 17.12 -37.70 -16.31
C ALA B 74 17.15 -36.45 -17.16
N LYS B 75 15.99 -36.03 -17.66
CA LYS B 75 15.87 -34.87 -18.54
C LYS B 75 15.28 -33.64 -17.86
N ASN B 76 15.01 -33.68 -16.55
CA ASN B 76 14.49 -32.51 -15.86
C ASN B 76 13.19 -32.02 -16.49
N THR B 77 12.32 -32.95 -16.86
CA THR B 77 11.10 -32.65 -17.59
C THR B 77 9.89 -33.25 -16.90
N VAL B 78 8.80 -32.46 -16.85
CA VAL B 78 7.50 -32.94 -16.39
C VAL B 78 6.57 -32.95 -17.59
N PHE B 79 5.69 -33.96 -17.65
CA PHE B 79 4.78 -34.16 -18.76
C PHE B 79 3.34 -34.16 -18.28
N LEU B 80 2.44 -33.69 -19.15
CA LEU B 80 1.00 -33.84 -18.92
C LEU B 80 0.40 -34.43 -20.19
N GLN B 81 0.10 -35.73 -20.13
CA GLN B 81 -0.63 -36.38 -21.21
C GLN B 81 -2.11 -36.07 -21.07
N MET B 82 -2.71 -35.51 -22.12
CA MET B 82 -4.06 -34.95 -22.06
C MET B 82 -4.95 -35.67 -23.07
N ASN B 83 -5.84 -36.55 -22.61
CA ASN B 83 -6.73 -37.30 -23.49
C ASN B 83 -8.18 -36.88 -23.29
N SER B 84 -9.02 -37.22 -24.29
CA SER B 84 -10.46 -36.99 -24.20
C SER B 84 -10.74 -35.53 -23.86
N LEU B 85 -10.09 -34.65 -24.61
CA LEU B 85 -10.15 -33.23 -24.29
C LEU B 85 -11.54 -32.67 -24.58
N LYS B 86 -11.94 -31.68 -23.79
CA LYS B 86 -13.23 -31.02 -23.89
C LYS B 86 -13.01 -29.53 -24.04
N PRO B 87 -13.98 -28.80 -24.62
CA PRO B 87 -13.83 -27.33 -24.74
C PRO B 87 -13.58 -26.64 -23.40
N GLU B 88 -14.12 -27.18 -22.30
CA GLU B 88 -13.90 -26.65 -20.97
C GLU B 88 -12.44 -26.71 -20.53
N ASP B 89 -11.62 -27.50 -21.21
CA ASP B 89 -10.19 -27.57 -20.93
C ASP B 89 -9.38 -26.48 -21.62
N THR B 90 -10.01 -25.63 -22.46
CA THR B 90 -9.28 -24.56 -23.11
C THR B 90 -8.69 -23.61 -22.07
N ALA B 91 -7.39 -23.32 -22.19
CA ALA B 91 -6.70 -22.48 -21.20
C ALA B 91 -5.23 -22.40 -21.52
N VAL B 92 -4.50 -21.46 -20.90
CA VAL B 92 -3.04 -21.53 -20.88
C VAL B 92 -2.63 -22.44 -19.73
N TYR B 93 -1.78 -23.43 -20.02
CA TYR B 93 -1.33 -24.40 -19.03
C TYR B 93 0.10 -24.10 -18.62
N TYR B 94 0.40 -24.27 -17.33
CA TYR B 94 1.67 -23.91 -16.74
C TYR B 94 2.16 -25.01 -15.84
N CYS B 95 3.47 -25.18 -15.78
CA CYS B 95 4.05 -26.06 -14.79
C CYS B 95 4.80 -25.27 -13.71
N ASN B 96 4.96 -25.83 -12.51
CA ASN B 96 5.72 -25.13 -11.46
C ASN B 96 6.22 -26.11 -10.40
N ARG B 97 7.24 -25.69 -9.63
CA ARG B 97 7.54 -26.34 -8.36
C ARG B 97 6.35 -26.19 -7.43
N ALA B 98 6.05 -27.26 -6.68
CA ALA B 98 4.84 -27.28 -5.87
C ALA B 98 5.15 -27.83 -4.48
N LYS B 99 4.29 -27.49 -3.51
CA LYS B 99 4.46 -27.95 -2.14
C LYS B 99 3.35 -28.94 -1.82
N PRO B 100 3.62 -30.24 -1.78
CA PRO B 100 2.62 -31.21 -1.30
C PRO B 100 2.31 -30.96 0.18
N PRO B 101 1.12 -31.39 0.68
CA PRO B 101 0.10 -32.18 0.02
C PRO B 101 -0.94 -31.42 -0.83
N THR B 102 -1.01 -30.09 -0.71
CA THR B 102 -2.04 -29.33 -1.42
C THR B 102 -1.57 -28.77 -2.77
N TYR B 103 -0.27 -28.77 -3.03
CA TYR B 103 0.28 -28.41 -4.34
C TYR B 103 0.07 -26.92 -4.67
N TYR B 104 0.30 -26.06 -3.68
CA TYR B 104 0.46 -24.66 -4.09
C TYR B 104 1.79 -24.49 -4.80
N SER B 105 1.82 -23.57 -5.79
CA SER B 105 3.04 -23.37 -6.56
C SER B 105 4.00 -22.44 -5.81
N LEU B 106 5.28 -22.51 -6.19
CA LEU B 106 6.35 -21.86 -5.42
C LEU B 106 7.06 -20.69 -6.14
N GLU B 107 7.13 -20.70 -7.48
CA GLU B 107 8.00 -19.81 -8.24
C GLU B 107 7.23 -18.87 -9.17
N PRO B 108 7.82 -17.73 -9.57
CA PRO B 108 7.29 -16.98 -10.73
C PRO B 108 7.07 -17.91 -11.92
N TRP B 109 6.06 -17.59 -12.71
CA TRP B 109 5.61 -18.47 -13.79
C TRP B 109 6.47 -18.39 -15.04
N GLY B 110 6.54 -19.51 -15.78
CA GLY B 110 6.96 -19.50 -17.17
C GLY B 110 5.89 -18.91 -18.11
N LYS B 111 6.18 -18.96 -19.40
CA LYS B 111 5.25 -18.37 -20.38
C LYS B 111 3.98 -19.20 -20.58
N GLY B 112 4.01 -20.50 -20.23
CA GLY B 112 2.83 -21.33 -20.39
C GLY B 112 2.69 -21.81 -21.83
N THR B 113 1.67 -22.64 -22.07
CA THR B 113 1.41 -23.16 -23.41
C THR B 113 -0.11 -23.23 -23.62
N GLN B 114 -0.57 -22.68 -24.76
CA GLN B 114 -2.00 -22.55 -25.03
C GLN B 114 -2.60 -23.88 -25.47
N VAL B 115 -3.67 -24.29 -24.81
CA VAL B 115 -4.49 -25.42 -25.22
C VAL B 115 -5.85 -24.89 -25.67
N THR B 116 -6.27 -25.24 -26.90
CA THR B 116 -7.58 -24.82 -27.40
C THR B 116 -8.30 -26.03 -27.97
N VAL B 117 -9.48 -26.30 -27.43
CA VAL B 117 -10.27 -27.47 -27.80
C VAL B 117 -11.53 -26.97 -28.47
N SER B 118 -11.67 -27.25 -29.76
CA SER B 118 -12.83 -26.80 -30.51
C SER B 118 -13.99 -27.77 -30.29
N SER B 119 -15.20 -27.22 -30.25
CA SER B 119 -16.41 -28.02 -30.16
C SER B 119 -16.88 -28.39 -31.57
N HIS B 120 -17.05 -29.70 -31.82
CA HIS B 120 -17.59 -30.16 -33.11
C HIS B 120 -19.07 -29.70 -33.34
N HIS B 121 -19.57 -28.91 -32.39
CA HIS B 121 -20.90 -28.29 -32.43
C HIS B 121 -21.32 -27.89 -33.84
N THR C 1 -0.89 18.69 35.66
CA THR C 1 0.06 18.07 36.59
C THR C 1 0.92 17.00 35.91
N LYS C 2 0.32 16.11 35.13
CA LYS C 2 1.10 15.10 34.39
C LYS C 2 2.07 15.79 33.43
N PRO C 3 3.38 15.52 33.51
CA PRO C 3 4.33 16.33 32.73
C PRO C 3 4.23 16.01 31.24
N PHE C 4 4.28 17.07 30.45
CA PHE C 4 4.33 16.93 29.01
C PHE C 4 5.71 16.39 28.56
N SER C 5 5.74 15.75 27.38
CA SER C 5 6.97 15.20 26.81
C SER C 5 6.68 14.91 25.32
N VAL C 6 7.73 14.62 24.56
CA VAL C 6 7.56 14.07 23.21
C VAL C 6 8.30 12.75 23.17
N PRO C 7 7.95 11.88 22.21
CA PRO C 7 8.61 10.57 22.11
C PRO C 7 10.09 10.69 21.82
N VAL C 8 10.84 9.74 22.39
CA VAL C 8 12.25 9.53 22.06
C VAL C 8 12.18 8.60 20.86
N LEU C 9 12.09 9.19 19.69
CA LEU C 9 12.15 8.50 18.41
C LEU C 9 12.89 9.38 17.43
N THR C 10 13.75 8.77 16.61
CA THR C 10 14.43 9.56 15.60
C THR C 10 13.46 9.87 14.45
N VAL C 11 13.86 10.79 13.58
CA VAL C 11 13.05 11.13 12.40
C VAL C 11 12.78 9.88 11.56
N GLU C 12 13.85 9.10 11.29
CA GLU C 12 13.70 7.92 10.43
C GLU C 12 12.89 6.79 11.07
N GLU C 13 12.74 6.82 12.41
CA GLU C 13 11.89 5.85 13.08
C GLU C 13 10.42 6.21 13.00
N MET C 14 10.08 7.38 12.44
CA MET C 14 8.73 7.88 12.56
C MET C 14 8.06 7.85 11.15
N THR C 15 6.79 8.29 11.11
CA THR C 15 5.90 8.05 9.95
C THR C 15 5.19 9.33 9.57
N ASN C 16 5.04 9.56 8.26
CA ASN C 16 4.26 10.71 7.83
C ASN C 16 2.80 10.54 8.27
N SER C 17 2.18 11.64 8.69
CA SER C 17 0.79 11.58 9.12
C SER C 17 -0.18 11.96 8.02
N ARG C 18 0.30 12.13 6.78
CA ARG C 18 -0.56 12.48 5.65
C ARG C 18 -0.54 11.47 4.51
N PHE C 19 0.30 10.43 4.60
CA PHE C 19 0.34 9.33 3.63
C PHE C 19 1.12 8.21 4.31
N PRO C 20 0.79 6.97 4.06
CA PRO C 20 1.41 5.84 4.83
C PRO C 20 2.81 5.44 4.38
N ILE C 21 3.77 6.32 4.68
CA ILE C 21 5.19 6.16 4.34
C ILE C 21 6.02 6.73 5.47
N PRO C 22 7.26 6.27 5.61
CA PRO C 22 8.11 6.79 6.68
C PRO C 22 8.53 8.24 6.43
N LEU C 23 8.86 8.90 7.54
CA LEU C 23 9.53 10.20 7.44
C LEU C 23 10.95 10.01 6.93
N GLU C 24 11.41 11.01 6.21
CA GLU C 24 12.77 11.00 5.70
C GLU C 24 13.64 12.10 6.26
N LYS C 25 13.10 13.31 6.43
CA LYS C 25 13.94 14.44 6.82
C LYS C 25 13.10 15.56 7.39
N LEU C 26 13.79 16.50 8.02
CA LEU C 26 13.18 17.75 8.44
C LEU C 26 13.46 18.82 7.38
N PHE C 27 12.43 19.60 7.04
CA PHE C 27 12.55 20.63 6.03
C PHE C 27 11.92 21.92 6.52
N THR C 28 12.55 23.07 6.22
CA THR C 28 11.95 24.35 6.53
C THR C 28 12.03 25.26 5.31
N GLY C 29 11.00 26.08 5.14
CA GLY C 29 11.00 27.12 4.09
C GLY C 29 9.90 28.12 4.37
N PRO C 30 9.91 29.26 3.65
CA PRO C 30 8.80 30.22 3.77
C PRO C 30 7.50 29.62 3.25
N SER C 31 6.38 30.08 3.83
CA SER C 31 5.08 29.58 3.42
C SER C 31 4.07 30.71 3.20
N SER C 32 4.54 31.94 2.99
CA SER C 32 3.54 32.99 2.73
C SER C 32 2.88 32.88 1.35
N ALA C 33 3.46 32.15 0.40
CA ALA C 33 2.85 31.97 -0.91
C ALA C 33 1.70 30.96 -0.93
N PHE C 34 1.36 30.35 0.21
CA PHE C 34 0.32 29.34 0.14
C PHE C 34 -0.32 29.26 1.52
N VAL C 35 -1.43 28.53 1.59
CA VAL C 35 -2.20 28.36 2.83
C VAL C 35 -1.84 26.98 3.34
N VAL C 36 -1.30 26.89 4.55
CA VAL C 36 -0.91 25.60 5.11
C VAL C 36 -2.05 25.16 6.03
N GLN C 37 -2.93 24.29 5.52
CA GLN C 37 -4.09 23.86 6.28
C GLN C 37 -4.36 22.36 6.10
N PRO C 38 -3.36 21.50 6.28
CA PRO C 38 -3.64 20.05 6.17
C PRO C 38 -4.64 19.61 7.24
N GLN C 39 -5.37 18.54 6.95
CA GLN C 39 -6.36 18.00 7.87
C GLN C 39 -5.97 16.68 8.51
N ASN C 40 -5.06 15.91 7.88
CA ASN C 40 -4.41 14.79 8.56
C ASN C 40 -3.14 15.25 9.27
N GLY C 41 -2.79 14.55 10.35
CA GLY C 41 -1.62 14.96 11.12
C GLY C 41 -1.89 16.19 11.98
N ARG C 42 -3.11 16.33 12.48
CA ARG C 42 -3.53 17.46 13.28
C ARG C 42 -3.99 16.98 14.65
N CYS C 43 -3.35 17.53 15.69
CA CYS C 43 -3.57 17.10 17.08
C CYS C 43 -3.00 18.14 18.02
N THR C 44 -3.72 18.44 19.12
CA THR C 44 -3.14 19.37 20.07
C THR C 44 -2.13 18.65 20.98
N THR C 45 -1.27 19.45 21.64
CA THR C 45 -0.30 18.80 22.50
C THR C 45 -0.96 18.08 23.70
N ASP C 46 -2.18 18.49 24.10
CA ASP C 46 -2.87 17.75 25.15
C ASP C 46 -3.81 16.68 24.60
N GLY C 47 -3.65 16.29 23.33
CA GLY C 47 -4.22 15.03 22.89
C GLY C 47 -5.59 15.11 22.24
N VAL C 48 -6.00 16.28 21.76
CA VAL C 48 -7.27 16.41 21.05
C VAL C 48 -7.01 16.30 19.55
N LEU C 49 -7.58 15.26 18.92
CA LEU C 49 -7.46 15.10 17.48
C LEU C 49 -8.27 16.17 16.75
N LEU C 50 -7.75 16.66 15.61
CA LEU C 50 -8.40 17.71 14.84
C LEU C 50 -8.60 17.29 13.37
N GLY C 51 -9.40 18.06 12.63
CA GLY C 51 -9.49 17.83 11.19
C GLY C 51 -10.02 16.44 10.87
N THR C 52 -9.36 15.74 9.94
CA THR C 52 -9.69 14.35 9.63
C THR C 52 -8.74 13.36 10.27
N THR C 53 -8.05 13.72 11.36
CA THR C 53 -6.95 12.91 11.88
C THR C 53 -7.47 11.74 12.71
N GLN C 54 -6.91 10.58 12.42
CA GLN C 54 -7.16 9.37 13.22
C GLN C 54 -5.80 8.73 13.57
N LEU C 55 -5.82 7.63 14.34
CA LEU C 55 -4.59 7.14 14.98
C LEU C 55 -3.78 6.15 14.14
N SER C 56 -4.42 5.47 13.18
CA SER C 56 -3.78 4.37 12.46
C SER C 56 -2.96 4.91 11.30
N PRO C 57 -1.67 4.70 11.26
CA PRO C 57 -0.87 5.12 10.11
C PRO C 57 -1.28 4.45 8.78
N VAL C 58 -1.78 3.22 8.86
CA VAL C 58 -2.01 2.50 7.63
C VAL C 58 -3.36 2.85 7.03
N ASN C 59 -4.24 3.56 7.75
CA ASN C 59 -5.55 3.89 7.21
C ASN C 59 -5.60 5.21 6.43
N ILE C 60 -4.50 5.93 6.37
CA ILE C 60 -4.50 7.23 5.74
C ILE C 60 -4.55 7.02 4.23
N CYS C 61 -5.48 7.69 3.56
CA CYS C 61 -5.70 7.61 2.10
C CYS C 61 -6.17 6.23 1.66
N THR C 62 -6.81 5.46 2.56
CA THR C 62 -7.49 4.21 2.20
C THR C 62 -8.99 4.48 2.13
N PHE C 63 -9.70 3.67 1.35
CA PHE C 63 -11.16 3.72 1.28
C PHE C 63 -11.72 2.31 1.27
N ARG C 64 -12.94 2.13 1.82
CA ARG C 64 -13.61 0.84 1.81
C ARG C 64 -15.07 1.06 1.55
N GLY C 65 -15.69 0.08 0.90
CA GLY C 65 -17.13 0.17 0.68
C GLY C 65 -17.55 -0.84 -0.36
N ASP C 66 -18.73 -0.63 -0.96
CA ASP C 66 -19.16 -1.42 -2.12
C ASP C 66 -19.08 -0.56 -3.36
N VAL C 67 -18.94 -1.19 -4.51
CA VAL C 67 -18.78 -0.43 -5.76
C VAL C 67 -19.89 -0.74 -6.76
N THR C 68 -20.12 0.23 -7.65
CA THR C 68 -21.02 0.07 -8.80
C THR C 68 -20.39 0.75 -10.00
N HIS C 69 -20.91 0.44 -11.20
CA HIS C 69 -20.51 1.24 -12.35
C HIS C 69 -21.59 1.17 -13.41
N ILE C 70 -21.47 2.08 -14.36
CA ILE C 70 -22.27 2.06 -15.59
C ILE C 70 -21.72 0.99 -16.50
N THR C 71 -22.60 0.20 -17.15
CA THR C 71 -22.10 -0.84 -18.04
C THR C 71 -21.15 -0.25 -19.07
N GLY C 72 -20.00 -0.91 -19.26
CA GLY C 72 -19.03 -0.47 -20.26
C GLY C 72 -17.98 0.48 -19.72
N SER C 73 -18.18 0.99 -18.51
CA SER C 73 -17.26 2.00 -17.95
C SER C 73 -16.18 1.32 -17.10
N ARG C 74 -14.94 1.81 -17.23
CA ARG C 74 -13.87 1.38 -16.31
C ARG C 74 -13.82 2.23 -15.05
N ASN C 75 -14.76 3.16 -14.87
CA ASN C 75 -14.81 3.98 -13.67
C ASN C 75 -15.85 3.42 -12.71
N TYR C 76 -15.48 3.23 -11.45
CA TYR C 76 -16.37 2.64 -10.46
C TYR C 76 -16.65 3.63 -9.35
N THR C 77 -17.91 3.75 -8.94
CA THR C 77 -18.27 4.57 -7.78
C THR C 77 -18.22 3.71 -6.53
N MET C 78 -17.52 4.17 -5.50
CA MET C 78 -17.55 3.48 -4.23
C MET C 78 -18.47 4.21 -3.24
N ASN C 79 -19.44 3.47 -2.69
CA ASN C 79 -20.27 3.95 -1.58
C ASN C 79 -19.52 3.65 -0.30
N LEU C 80 -18.98 4.71 0.31
CA LEU C 80 -18.05 4.52 1.43
C LEU C 80 -18.73 3.91 2.65
N ALA C 81 -18.03 2.97 3.26
CA ALA C 81 -18.31 2.47 4.60
C ALA C 81 -17.28 3.02 5.57
N SER C 82 -17.57 2.86 6.87
CA SER C 82 -16.57 3.11 7.89
C SER C 82 -15.46 2.07 7.84
N GLN C 83 -14.37 2.33 8.57
CA GLN C 83 -13.21 1.43 8.59
C GLN C 83 -13.57 0.02 9.03
N ASN C 84 -14.53 -0.13 9.94
CA ASN C 84 -14.93 -1.44 10.43
C ASN C 84 -16.14 -2.00 9.67
N TRP C 85 -16.47 -1.42 8.51
CA TRP C 85 -17.51 -1.83 7.59
C TRP C 85 -18.89 -1.44 8.10
N ASN C 86 -19.00 -0.73 9.22
CA ASN C 86 -20.31 -0.18 9.56
C ASN C 86 -20.67 0.96 8.61
N ASP C 87 -21.94 1.36 8.64
CA ASP C 87 -22.39 2.46 7.80
C ASP C 87 -21.58 3.74 8.07
N TYR C 88 -21.24 4.45 7.00
CA TYR C 88 -20.68 5.79 7.14
C TYR C 88 -21.77 6.78 7.53
N ASP C 89 -21.38 7.78 8.33
CA ASP C 89 -22.31 8.80 8.83
C ASP C 89 -21.89 10.20 8.39
N PRO C 90 -22.52 10.79 7.38
CA PRO C 90 -22.10 12.11 6.90
C PRO C 90 -22.46 13.24 7.85
N THR C 91 -23.19 12.99 8.95
CA THR C 91 -23.57 14.07 9.84
C THR C 91 -22.59 14.29 10.99
N GLU C 92 -21.56 13.45 11.15
CA GLU C 92 -20.58 13.78 12.18
C GLU C 92 -19.86 15.06 11.81
N GLU C 93 -19.38 15.75 12.83
CA GLU C 93 -18.84 17.11 12.70
C GLU C 93 -17.35 17.06 12.37
N ILE C 94 -17.06 16.45 11.21
CA ILE C 94 -15.70 16.35 10.69
C ILE C 94 -15.77 16.76 9.22
N PRO C 95 -14.63 17.15 8.61
CA PRO C 95 -14.68 17.60 7.21
C PRO C 95 -15.04 16.50 6.21
N ALA C 96 -14.75 15.24 6.56
CA ALA C 96 -14.76 14.08 5.67
C ALA C 96 -14.39 12.89 6.54
N PRO C 97 -14.56 11.65 6.07
CA PRO C 97 -14.18 10.50 6.90
C PRO C 97 -12.74 10.64 7.39
N LEU C 98 -12.48 10.17 8.61
CA LEU C 98 -11.10 10.29 9.09
C LEU C 98 -10.14 9.54 8.16
N GLY C 99 -9.01 10.19 7.84
CA GLY C 99 -8.02 9.57 6.96
C GLY C 99 -8.18 9.90 5.50
N THR C 100 -9.27 10.59 5.10
CA THR C 100 -9.47 11.00 3.70
C THR C 100 -8.26 11.80 3.22
N PRO C 101 -7.83 11.67 1.97
CA PRO C 101 -6.76 12.55 1.47
C PRO C 101 -7.07 14.03 1.69
N ASP C 102 -6.02 14.80 2.09
CA ASP C 102 -6.22 16.23 2.36
C ASP C 102 -5.49 17.10 1.36
N PHE C 103 -5.28 16.61 0.13
CA PHE C 103 -4.68 17.42 -0.92
C PHE C 103 -5.28 17.06 -2.27
N VAL C 104 -5.15 18.00 -3.22
CA VAL C 104 -5.63 17.82 -4.61
C VAL C 104 -4.54 17.13 -5.40
N GLY C 105 -4.89 15.99 -5.98
CA GLY C 105 -3.95 15.29 -6.84
C GLY C 105 -4.55 13.94 -7.18
N LYS C 106 -3.72 13.11 -7.79
CA LYS C 106 -4.14 11.82 -8.37
C LYS C 106 -3.40 10.74 -7.60
N ILE C 107 -4.12 9.97 -6.78
CA ILE C 107 -3.52 8.93 -5.94
C ILE C 107 -3.79 7.59 -6.62
N GLN C 108 -2.72 6.89 -6.97
CA GLN C 108 -2.85 5.57 -7.61
C GLN C 108 -2.60 4.47 -6.59
N GLY C 109 -3.34 3.38 -6.77
CA GLY C 109 -3.11 2.23 -5.89
C GLY C 109 -3.89 1.06 -6.44
N VAL C 110 -4.45 0.23 -5.57
CA VAL C 110 -5.06 -1.02 -6.01
C VAL C 110 -6.42 -1.17 -5.33
N LEU C 111 -7.44 -1.50 -6.12
CA LEU C 111 -8.78 -1.79 -5.62
C LEU C 111 -8.89 -3.33 -5.54
N THR C 112 -9.08 -3.85 -4.32
CA THR C 112 -9.21 -5.31 -4.11
C THR C 112 -10.63 -5.64 -3.64
N GLN C 113 -11.07 -6.87 -3.92
CA GLN C 113 -12.43 -7.28 -3.50
C GLN C 113 -12.45 -8.78 -3.21
N THR C 114 -13.26 -9.16 -2.22
CA THR C 114 -13.50 -10.57 -1.91
C THR C 114 -15.00 -10.82 -2.10
N THR C 115 -15.33 -11.94 -2.73
CA THR C 115 -16.72 -12.43 -2.76
C THR C 115 -16.98 -13.30 -1.53
N ARG C 116 -17.99 -12.92 -0.74
CA ARG C 116 -18.20 -13.52 0.58
C ARG C 116 -18.52 -15.01 0.46
N THR C 117 -19.34 -15.41 -0.52
CA THR C 117 -19.81 -16.80 -0.52
C THR C 117 -18.68 -17.81 -0.69
N ASP C 118 -17.71 -17.57 -1.59
CA ASP C 118 -16.67 -18.56 -1.87
C ASP C 118 -15.27 -18.09 -1.55
N GLY C 119 -15.10 -16.83 -1.13
CA GLY C 119 -13.73 -16.34 -0.87
C GLY C 119 -12.89 -16.11 -2.12
N SER C 120 -13.51 -16.05 -3.30
CA SER C 120 -12.78 -15.64 -4.50
C SER C 120 -12.38 -14.17 -4.40
N THR C 121 -11.24 -13.81 -5.01
CA THR C 121 -10.68 -12.46 -4.85
C THR C 121 -10.17 -11.93 -6.18
N ARG C 122 -9.95 -10.60 -6.22
CA ARG C 122 -9.54 -9.93 -7.45
C ARG C 122 -8.98 -8.58 -7.05
N GLY C 123 -8.07 -8.07 -7.88
CA GLY C 123 -7.43 -6.79 -7.61
C GLY C 123 -7.12 -6.10 -8.91
N HIS C 124 -7.31 -4.76 -8.93
CA HIS C 124 -7.14 -3.97 -10.15
C HIS C 124 -6.50 -2.63 -9.85
N LYS C 125 -5.60 -2.23 -10.75
CA LYS C 125 -5.03 -0.89 -10.71
C LYS C 125 -6.16 0.15 -10.69
N ALA C 126 -6.02 1.18 -9.83
CA ALA C 126 -7.07 2.16 -9.68
C ALA C 126 -6.47 3.50 -9.29
N THR C 127 -7.08 4.58 -9.79
CA THR C 127 -6.63 5.94 -9.46
C THR C 127 -7.82 6.74 -8.99
N VAL C 128 -7.65 7.49 -7.89
CA VAL C 128 -8.66 8.46 -7.43
C VAL C 128 -8.18 9.87 -7.72
N TYR C 129 -9.06 10.69 -8.29
CA TYR C 129 -8.80 12.07 -8.76
C TYR C 129 -9.42 12.99 -7.70
N THR C 130 -8.61 13.41 -6.71
CA THR C 130 -9.21 14.17 -5.58
C THR C 130 -9.52 15.61 -5.95
N GLY C 131 -9.11 16.07 -7.13
CA GLY C 131 -9.56 17.34 -7.69
C GLY C 131 -10.73 17.26 -8.65
N SER C 132 -11.31 16.09 -8.80
CA SER C 132 -12.42 15.86 -9.72
C SER C 132 -13.70 16.43 -9.16
N ALA C 133 -14.60 16.84 -10.06
CA ALA C 133 -15.86 17.41 -9.61
C ALA C 133 -16.66 16.44 -8.75
N ASP C 134 -16.55 15.14 -9.01
CA ASP C 134 -17.37 14.15 -8.34
C ASP C 134 -16.70 13.54 -7.11
N PHE C 135 -15.46 13.93 -6.77
CA PHE C 135 -14.84 13.47 -5.53
C PHE C 135 -15.59 14.04 -4.34
N ALA C 136 -16.34 13.21 -3.60
CA ALA C 136 -17.23 13.74 -2.56
C ALA C 136 -17.24 12.82 -1.34
N PRO C 137 -16.08 12.57 -0.76
CA PRO C 137 -16.03 11.63 0.37
C PRO C 137 -16.91 12.06 1.55
N LYS C 138 -17.07 13.37 1.82
CA LYS C 138 -17.96 13.82 2.90
C LYS C 138 -19.40 13.36 2.65
N LEU C 139 -19.80 13.29 1.39
CA LEU C 139 -21.13 12.73 1.06
C LEU C 139 -21.16 11.21 0.99
N GLY C 140 -20.01 10.54 1.17
CA GLY C 140 -19.94 9.10 1.12
C GLY C 140 -19.66 8.50 -0.24
N ARG C 141 -19.18 9.27 -1.21
CA ARG C 141 -18.95 8.73 -2.55
C ARG C 141 -17.63 9.22 -3.15
N VAL C 142 -16.84 8.27 -3.67
CA VAL C 142 -15.66 8.62 -4.46
C VAL C 142 -15.66 7.72 -5.66
N GLN C 143 -14.92 8.09 -6.68
CA GLN C 143 -14.81 7.24 -7.88
C GLN C 143 -13.39 6.81 -8.11
N PHE C 144 -13.26 5.63 -8.72
CA PHE C 144 -11.96 5.07 -9.09
C PHE C 144 -11.91 4.76 -10.58
N GLU C 145 -10.86 5.24 -11.25
CA GLU C 145 -10.54 4.88 -12.62
C GLU C 145 -9.71 3.62 -12.60
N THR C 146 -10.23 2.54 -13.21
CA THR C 146 -9.59 1.22 -13.11
C THR C 146 -9.24 0.67 -14.48
N ASP C 147 -8.56 -0.51 -14.47
CA ASP C 147 -8.26 -1.20 -15.72
C ASP C 147 -9.25 -2.33 -16.03
N THR C 148 -10.45 -2.31 -15.45
CA THR C 148 -11.47 -3.31 -15.80
C THR C 148 -12.81 -2.63 -16.05
N ASP C 149 -13.65 -3.23 -16.91
CA ASP C 149 -15.06 -2.87 -16.95
C ASP C 149 -15.95 -4.08 -16.65
N ARG C 150 -15.42 -5.12 -16.03
CA ARG C 150 -16.27 -6.30 -15.85
C ARG C 150 -15.94 -7.15 -14.64
N ASP C 151 -14.82 -6.93 -13.96
CA ASP C 151 -14.44 -7.97 -13.01
C ASP C 151 -14.97 -7.73 -11.59
N PHE C 152 -15.37 -6.51 -11.22
CA PHE C 152 -15.87 -6.27 -9.88
C PHE C 152 -17.35 -6.63 -9.76
N GLU C 153 -17.72 -7.13 -8.60
CA GLU C 153 -19.10 -7.50 -8.28
C GLU C 153 -19.76 -6.46 -7.38
N ALA C 154 -21.10 -6.41 -7.40
CA ALA C 154 -21.80 -5.49 -6.51
C ALA C 154 -22.02 -6.12 -5.12
N ASN C 155 -22.20 -5.25 -4.12
CA ASN C 155 -22.51 -5.61 -2.74
C ASN C 155 -21.49 -6.60 -2.21
N GLN C 156 -20.20 -6.39 -2.58
CA GLN C 156 -19.09 -7.16 -2.02
C GLN C 156 -18.06 -6.18 -1.46
N ASN C 157 -17.49 -6.51 -0.31
CA ASN C 157 -16.50 -5.64 0.35
C ASN C 157 -15.32 -5.34 -0.58
N THR C 158 -15.02 -4.04 -0.76
CA THR C 158 -13.97 -3.56 -1.69
C THR C 158 -13.10 -2.56 -0.96
N LYS C 159 -11.78 -2.70 -1.13
CA LYS C 159 -10.83 -1.79 -0.45
C LYS C 159 -9.89 -1.13 -1.46
N PHE C 160 -9.57 0.13 -1.24
CA PHE C 160 -8.51 0.81 -1.99
C PHE C 160 -7.30 0.98 -1.08
N THR C 161 -6.14 0.44 -1.52
CA THR C 161 -4.84 0.59 -0.87
C THR C 161 -4.05 1.61 -1.68
N PRO C 162 -3.63 2.72 -1.09
CA PRO C 162 -2.86 3.73 -1.85
C PRO C 162 -1.41 3.30 -2.01
N VAL C 163 -0.81 3.69 -3.13
CA VAL C 163 0.61 3.41 -3.40
C VAL C 163 1.39 4.71 -3.61
N GLY C 164 0.90 5.57 -4.51
CA GLY C 164 1.69 6.77 -4.81
C GLY C 164 0.86 7.76 -5.61
N VAL C 165 1.55 8.72 -6.25
CA VAL C 165 0.85 9.75 -7.00
C VAL C 165 1.30 9.77 -8.44
N ILE C 166 0.49 10.44 -9.29
CA ILE C 166 0.82 10.54 -10.71
C ILE C 166 0.69 11.98 -11.19
N GLN C 167 1.22 12.23 -12.39
CA GLN C 167 1.09 13.55 -13.04
C GLN C 167 0.92 13.32 -14.54
N ASP C 168 0.09 14.15 -15.21
CA ASP C 168 -0.24 13.93 -16.63
C ASP C 168 0.18 15.08 -17.52
N GLY C 169 0.97 16.01 -17.02
CA GLY C 169 1.54 17.08 -17.83
C GLY C 169 1.06 18.44 -17.37
N GLY C 170 1.70 19.46 -17.95
CA GLY C 170 1.28 20.84 -17.73
C GLY C 170 2.37 21.76 -18.26
N THR C 171 2.31 23.03 -17.83
CA THR C 171 3.33 23.99 -18.25
C THR C 171 4.71 23.69 -17.68
N THR C 172 4.76 22.93 -16.58
CA THR C 172 6.01 22.49 -15.99
C THR C 172 5.81 21.10 -15.38
N HIS C 173 6.92 20.38 -15.21
CA HIS C 173 6.90 19.18 -14.37
C HIS C 173 6.54 19.58 -12.93
N ARG C 174 6.11 18.58 -12.14
CA ARG C 174 5.89 18.78 -10.70
C ARG C 174 4.81 19.84 -10.43
N ASN C 175 3.85 19.96 -11.35
CA ASN C 175 2.74 20.89 -11.15
C ASN C 175 1.57 20.27 -10.40
N GLU C 176 1.61 18.98 -10.13
CA GLU C 176 0.62 18.31 -9.28
C GLU C 176 1.32 17.10 -8.71
N PRO C 177 0.87 16.56 -7.57
CA PRO C 177 -0.16 17.07 -6.65
C PRO C 177 0.15 18.48 -6.12
N GLN C 178 -0.89 19.12 -5.59
CA GLN C 178 -0.77 20.40 -4.88
C GLN C 178 -1.01 20.09 -3.40
N GLN C 179 0.08 19.81 -2.67
CA GLN C 179 -0.11 19.30 -1.31
C GLN C 179 -0.76 20.31 -0.38
N TRP C 180 -0.77 21.61 -0.72
CA TRP C 180 -1.38 22.59 0.18
C TRP C 180 -2.73 23.07 -0.31
N VAL C 181 -3.32 22.41 -1.29
CA VAL C 181 -4.66 22.76 -1.78
C VAL C 181 -5.63 21.70 -1.29
N LEU C 182 -6.54 22.07 -0.38
CA LEU C 182 -7.54 21.11 0.09
C LEU C 182 -8.51 20.72 -1.03
N PRO C 183 -8.95 19.45 -1.06
CA PRO C 183 -10.07 19.07 -1.95
C PRO C 183 -11.36 19.74 -1.49
N SER C 184 -12.37 19.72 -2.40
CA SER C 184 -13.76 20.00 -2.02
C SER C 184 -14.39 18.73 -1.52
N TYR C 185 -14.44 18.53 -0.20
CA TYR C 185 -14.82 17.23 0.32
C TYR C 185 -16.25 16.79 -0.01
N SER C 186 -17.15 17.74 -0.30
CA SER C 186 -18.52 17.37 -0.69
C SER C 186 -18.76 17.51 -2.20
N GLY C 187 -17.69 17.63 -2.98
CA GLY C 187 -17.83 17.73 -4.41
C GLY C 187 -17.97 19.16 -4.90
N ARG C 188 -18.04 19.28 -6.24
CA ARG C 188 -17.86 20.58 -6.87
C ARG C 188 -18.82 21.60 -6.29
N ASN C 189 -18.34 22.84 -6.16
CA ASN C 189 -19.19 23.96 -5.76
C ASN C 189 -19.84 23.72 -4.39
N THR C 190 -19.03 23.26 -3.43
CA THR C 190 -19.50 23.13 -2.06
C THR C 190 -18.41 23.64 -1.12
N HIS C 191 -18.80 24.05 0.07
CA HIS C 191 -17.86 24.59 1.05
C HIS C 191 -17.48 23.52 2.06
N ASN C 192 -16.17 23.44 2.36
CA ASN C 192 -15.71 22.51 3.40
C ASN C 192 -16.16 22.98 4.78
N VAL C 193 -16.28 22.04 5.70
CA VAL C 193 -16.71 22.30 7.08
C VAL C 193 -15.79 21.64 8.11
N HIS C 194 -15.80 22.22 9.32
CA HIS C 194 -15.18 21.64 10.52
C HIS C 194 -13.66 21.47 10.36
N LEU C 195 -13.02 22.38 9.62
CA LEU C 195 -11.61 22.27 9.29
C LEU C 195 -10.71 22.61 10.49
N ALA C 196 -9.62 21.87 10.63
CA ALA C 196 -8.51 22.35 11.43
C ALA C 196 -7.99 23.64 10.82
N PRO C 197 -7.55 24.60 11.63
CA PRO C 197 -7.22 25.92 11.05
C PRO C 197 -5.89 25.89 10.28
N ALA C 198 -5.74 26.90 9.43
CA ALA C 198 -4.45 27.15 8.79
C ALA C 198 -3.42 27.57 9.85
N VAL C 199 -2.13 27.29 9.56
CA VAL C 199 -1.02 27.66 10.45
C VAL C 199 0.03 28.51 9.72
N ALA C 200 0.73 29.34 10.49
CA ALA C 200 1.79 30.18 9.92
C ALA C 200 2.72 30.61 11.03
N PRO C 201 3.97 30.95 10.71
CA PRO C 201 4.86 31.54 11.71
C PRO C 201 4.32 32.90 12.15
N THR C 202 4.75 33.33 13.33
CA THR C 202 4.22 34.53 13.97
C THR C 202 5.21 35.68 13.92
N PHE C 203 6.44 35.43 14.25
CA PHE C 203 7.39 36.49 14.52
C PHE C 203 8.45 36.62 13.45
N PRO C 204 9.13 37.76 13.40
CA PRO C 204 10.19 37.94 12.41
C PRO C 204 11.23 36.85 12.57
N GLY C 205 11.65 36.31 11.42
CA GLY C 205 12.69 35.32 11.38
C GLY C 205 12.20 33.88 11.58
N GLU C 206 10.92 33.67 11.83
CA GLU C 206 10.38 32.32 12.02
C GLU C 206 9.82 31.72 10.73
N GLN C 207 9.96 30.40 10.65
CA GLN C 207 9.33 29.61 9.60
C GLN C 207 8.72 28.38 10.24
N LEU C 208 7.77 27.78 9.53
CA LEU C 208 7.32 26.44 9.92
C LEU C 208 8.44 25.43 9.74
N LEU C 209 8.45 24.41 10.62
CA LEU C 209 9.29 23.22 10.45
C LEU C 209 8.40 22.07 10.00
N PHE C 210 8.75 21.45 8.86
CA PHE C 210 7.99 20.34 8.29
C PHE C 210 8.70 19.01 8.51
N PHE C 211 7.89 17.96 8.68
CA PHE C 211 8.36 16.58 8.73
C PHE C 211 8.06 15.99 7.34
N ARG C 212 9.11 15.77 6.55
CA ARG C 212 8.97 15.57 5.10
C ARG C 212 9.24 14.12 4.69
N SER C 213 8.42 13.65 3.74
CA SER C 213 8.63 12.39 3.04
C SER C 213 8.55 12.66 1.54
N THR C 214 8.92 11.62 0.76
CA THR C 214 8.77 11.61 -0.70
C THR C 214 7.77 10.52 -1.06
N MET C 215 6.59 10.92 -1.58
CA MET C 215 5.64 9.90 -2.00
C MET C 215 6.16 9.13 -3.21
N PRO C 216 5.87 7.83 -3.32
CA PRO C 216 6.16 7.13 -4.58
C PRO C 216 5.43 7.81 -5.73
N GLY C 217 6.07 7.84 -6.90
CA GLY C 217 5.42 8.27 -8.13
C GLY C 217 5.16 7.07 -9.02
N CYS C 218 3.95 7.03 -9.61
CA CYS C 218 3.54 5.88 -10.42
C CYS C 218 3.46 6.17 -11.91
N SER C 219 3.48 7.43 -12.36
CA SER C 219 3.57 7.81 -13.77
C SER C 219 3.73 9.31 -13.86
N GLY C 220 4.37 9.75 -14.94
CA GLY C 220 4.56 11.16 -15.20
C GLY C 220 5.67 11.77 -14.35
N TYR C 221 5.50 13.08 -14.08
CA TYR C 221 6.53 13.90 -13.41
C TYR C 221 5.90 14.57 -12.19
N PRO C 222 5.41 13.79 -11.22
CA PRO C 222 4.70 14.41 -10.09
C PRO C 222 5.63 15.11 -9.10
N ASN C 223 5.03 16.08 -8.38
CA ASN C 223 5.66 16.65 -7.18
C ASN C 223 5.43 15.69 -6.03
N MET C 224 6.49 14.96 -5.66
CA MET C 224 6.35 13.92 -4.69
C MET C 224 6.61 14.41 -3.25
N ASP C 225 6.90 15.70 -3.05
CA ASP C 225 7.12 16.19 -1.69
C ASP C 225 5.86 16.12 -0.86
N LEU C 226 6.00 15.67 0.40
CA LEU C 226 4.83 15.60 1.29
C LEU C 226 5.26 16.00 2.70
N ASP C 227 4.80 17.17 3.13
CA ASP C 227 5.15 17.74 4.44
C ASP C 227 4.00 17.58 5.44
N CYS C 228 4.29 17.05 6.63
CA CYS C 228 3.26 17.02 7.67
C CYS C 228 3.71 17.87 8.86
N LEU C 229 2.72 18.32 9.63
CA LEU C 229 2.99 19.25 10.75
C LEU C 229 3.46 18.52 11.99
N LEU C 230 3.06 17.26 12.16
CA LEU C 230 3.43 16.42 13.27
C LEU C 230 3.66 15.02 12.70
N PRO C 231 4.70 14.30 13.16
CA PRO C 231 4.77 12.86 12.89
C PRO C 231 3.52 12.15 13.39
N GLN C 232 3.13 11.10 12.65
CA GLN C 232 2.00 10.30 13.13
C GLN C 232 2.25 9.80 14.56
N GLU C 233 3.51 9.50 14.90
CA GLU C 233 3.77 9.01 16.26
C GLU C 233 3.53 10.07 17.31
N TRP C 234 3.73 11.36 16.97
CA TRP C 234 3.40 12.42 17.93
C TRP C 234 1.89 12.53 18.15
N VAL C 235 1.10 12.43 17.07
CA VAL C 235 -0.35 12.33 17.22
C VAL C 235 -0.70 11.20 18.18
N GLN C 236 -0.12 10.01 17.94
CA GLN C 236 -0.46 8.84 18.78
C GLN C 236 -0.07 9.09 20.23
N TYR C 237 1.08 9.73 20.44
CA TYR C 237 1.63 9.90 21.77
C TYR C 237 0.84 10.93 22.56
N PHE C 238 0.52 12.06 21.94
CA PHE C 238 -0.26 13.10 22.63
C PHE C 238 -1.66 12.58 22.93
N TYR C 239 -2.25 11.80 22.01
CA TYR C 239 -3.55 11.21 22.31
C TYR C 239 -3.47 10.30 23.54
N GLN C 240 -2.41 9.53 23.65
CA GLN C 240 -2.27 8.61 24.78
C GLN C 240 -1.93 9.34 26.08
N GLU C 241 -1.01 10.30 26.03
CA GLU C 241 -0.55 10.97 27.24
C GLU C 241 -1.56 11.99 27.76
N ALA C 242 -2.15 12.77 26.88
CA ALA C 242 -3.09 13.82 27.26
C ALA C 242 -2.55 14.69 28.40
N ALA C 243 -1.26 15.06 28.29
CA ALA C 243 -0.64 15.93 29.32
C ALA C 243 -1.11 17.37 29.15
N PRO C 244 -1.50 18.05 30.23
CA PRO C 244 -2.00 19.42 30.10
C PRO C 244 -0.90 20.37 29.66
N ALA C 245 -1.28 21.35 28.85
CA ALA C 245 -0.35 22.37 28.36
C ALA C 245 -0.28 23.49 29.39
N GLN C 246 0.93 23.82 29.82
CA GLN C 246 1.10 24.85 30.85
C GLN C 246 1.26 26.25 30.26
N SER C 247 1.43 26.34 28.93
CA SER C 247 1.41 27.59 28.17
C SER C 247 1.01 27.22 26.75
N ASP C 248 1.05 28.19 25.85
CA ASP C 248 0.70 27.85 24.47
C ASP C 248 1.91 27.41 23.65
N VAL C 249 3.12 27.39 24.23
CA VAL C 249 4.33 27.08 23.45
C VAL C 249 5.25 26.20 24.27
N ALA C 250 5.55 25.00 23.75
CA ALA C 250 6.51 24.06 24.33
C ALA C 250 7.85 24.21 23.60
N LEU C 251 8.92 24.49 24.36
CA LEU C 251 10.25 24.62 23.78
C LEU C 251 10.90 23.23 23.69
N LEU C 252 11.21 22.79 22.44
CA LEU C 252 11.91 21.53 22.24
C LEU C 252 13.34 21.79 21.83
N ARG C 253 14.26 20.90 22.26
CA ARG C 253 15.63 20.92 21.77
C ARG C 253 15.88 19.63 21.01
N PHE C 254 16.55 19.75 19.85
CA PHE C 254 16.91 18.56 19.08
C PHE C 254 18.35 18.21 19.46
N VAL C 255 18.53 16.99 19.99
CA VAL C 255 19.77 16.61 20.68
C VAL C 255 20.43 15.43 20.00
N ASN C 256 21.76 15.42 20.03
CA ASN C 256 22.53 14.24 19.63
C ASN C 256 22.82 13.42 20.88
N PRO C 257 22.20 12.25 21.06
CA PRO C 257 22.34 11.56 22.34
C PRO C 257 23.76 11.07 22.61
N ASP C 258 24.62 10.99 21.60
CA ASP C 258 25.98 10.51 21.85
C ASP C 258 26.82 11.58 22.52
N THR C 259 26.66 12.85 22.13
CA THR C 259 27.45 13.95 22.67
C THR C 259 26.68 14.84 23.63
N GLY C 260 25.36 14.67 23.73
CA GLY C 260 24.52 15.58 24.48
C GLY C 260 24.39 16.95 23.85
N ARG C 261 25.03 17.17 22.69
CA ARG C 261 25.01 18.49 22.07
C ARG C 261 23.63 18.83 21.50
N VAL C 262 23.18 20.07 21.69
CA VAL C 262 21.94 20.57 21.11
C VAL C 262 22.21 21.07 19.70
N LEU C 263 21.52 20.49 18.71
CA LEU C 263 21.70 20.97 17.35
C LEU C 263 20.91 22.24 17.08
N PHE C 264 19.66 22.26 17.54
CA PHE C 264 18.82 23.44 17.37
C PHE C 264 17.66 23.36 18.35
N GLU C 265 16.93 24.47 18.44
CA GLU C 265 15.69 24.45 19.23
C GLU C 265 14.50 24.89 18.38
N CYS C 266 13.30 24.56 18.85
CA CYS C 266 12.08 24.85 18.07
C CYS C 266 10.90 25.01 19.01
N LYS C 267 9.86 25.69 18.52
CA LYS C 267 8.60 25.85 19.23
C LYS C 267 7.59 24.80 18.78
N LEU C 268 7.08 24.01 19.72
CA LEU C 268 5.93 23.15 19.45
C LEU C 268 4.72 23.86 20.04
N HIS C 269 3.86 24.35 19.18
CA HIS C 269 2.68 25.11 19.60
C HIS C 269 1.60 24.17 20.12
N LYS C 270 0.89 24.61 21.18
CA LYS C 270 -0.14 23.77 21.79
C LYS C 270 -1.14 23.26 20.77
N SER C 271 -1.45 24.07 19.74
CA SER C 271 -2.45 23.64 18.77
C SER C 271 -1.87 22.69 17.72
N GLY C 272 -0.59 22.37 17.79
CA GLY C 272 -0.06 21.21 17.08
C GLY C 272 0.69 21.50 15.78
N TYR C 273 1.74 22.31 15.84
CA TYR C 273 2.65 22.54 14.72
C TYR C 273 3.91 23.14 15.29
N VAL C 274 4.96 23.20 14.45
CA VAL C 274 6.31 23.52 14.94
C VAL C 274 6.88 24.68 14.15
N THR C 275 7.60 25.60 14.83
CA THR C 275 8.31 26.64 14.11
C THR C 275 9.76 26.70 14.57
N VAL C 276 10.60 27.25 13.69
CA VAL C 276 12.02 27.44 13.93
C VAL C 276 12.41 28.84 13.52
N ALA C 277 13.57 29.30 14.02
CA ALA C 277 14.11 30.59 13.58
C ALA C 277 15.11 30.36 12.45
N HIS C 278 14.66 30.57 11.20
CA HIS C 278 15.51 30.45 10.04
C HIS C 278 14.84 31.20 8.91
N THR C 279 15.65 31.77 8.00
CA THR C 279 15.15 32.35 6.76
C THR C 279 15.80 31.62 5.58
N GLY C 280 15.03 30.84 4.86
CA GLY C 280 15.58 30.13 3.73
C GLY C 280 14.91 28.77 3.57
N GLN C 281 15.17 28.13 2.42
CA GLN C 281 14.59 26.83 2.09
C GLN C 281 15.69 25.79 2.23
N HIS C 282 15.58 24.91 3.23
CA HIS C 282 16.61 23.93 3.48
C HIS C 282 16.06 22.64 4.08
N ASP C 283 16.64 21.51 3.63
CA ASP C 283 16.66 20.29 4.44
C ASP C 283 17.62 20.52 5.61
N LEU C 284 17.26 20.00 6.79
CA LEU C 284 18.18 20.07 7.94
C LEU C 284 19.14 18.87 7.94
N VAL C 285 20.44 19.14 8.12
CA VAL C 285 21.44 18.09 8.25
C VAL C 285 21.51 17.69 9.72
N ILE C 286 21.13 16.45 10.03
CA ILE C 286 21.02 15.99 11.42
C ILE C 286 21.72 14.64 11.59
N PRO C 287 22.22 14.35 12.78
CA PRO C 287 22.70 13.00 13.06
C PRO C 287 21.54 12.03 13.06
N PRO C 288 21.71 10.84 12.51
CA PRO C 288 20.53 9.96 12.31
C PRO C 288 19.99 9.39 13.62
N ASN C 289 20.75 9.49 14.71
CA ASN C 289 20.27 9.15 16.07
C ASN C 289 19.77 10.36 16.87
N GLY C 290 19.69 11.53 16.24
CA GLY C 290 19.13 12.70 16.93
C GLY C 290 17.66 12.53 17.27
N TYR C 291 17.21 13.26 18.29
CA TYR C 291 15.80 13.20 18.64
C TYR C 291 15.41 14.49 19.34
N PHE C 292 14.09 14.69 19.43
CA PHE C 292 13.53 15.88 20.08
C PHE C 292 13.31 15.64 21.57
N ARG C 293 13.53 16.71 22.36
CA ARG C 293 13.40 16.64 23.82
C ARG C 293 12.68 17.89 24.32
N PHE C 294 11.58 17.70 25.04
CA PHE C 294 10.88 18.84 25.64
C PHE C 294 11.66 19.39 26.84
N ASP C 295 11.93 20.67 26.84
CA ASP C 295 12.68 21.30 27.93
C ASP C 295 11.84 22.23 28.81
N SER C 296 10.90 23.01 28.26
CA SER C 296 10.22 24.05 29.04
C SER C 296 8.99 24.58 28.33
N TRP C 297 7.95 24.90 29.10
CA TRP C 297 6.89 25.77 28.59
C TRP C 297 7.40 27.21 28.59
N VAL C 298 7.13 27.95 27.51
CA VAL C 298 7.60 29.33 27.43
C VAL C 298 6.44 30.25 27.07
N ASN C 299 6.65 31.56 27.31
CA ASN C 299 5.62 32.53 26.99
C ASN C 299 5.51 32.70 25.46
N GLN C 300 4.39 33.31 25.04
CA GLN C 300 4.10 33.36 23.60
C GLN C 300 5.03 34.30 22.81
N PHE C 301 5.87 35.12 23.48
CA PHE C 301 6.79 36.02 22.78
C PHE C 301 8.22 35.51 22.73
N TYR C 302 8.48 34.25 23.15
CA TYR C 302 9.81 33.69 23.28
C TYR C 302 10.57 33.82 21.96
N THR C 303 11.85 34.21 22.04
CA THR C 303 12.70 34.33 20.85
C THR C 303 13.52 33.04 20.70
N LEU C 304 13.24 32.30 19.62
CA LEU C 304 14.09 31.15 19.34
C LEU C 304 15.52 31.53 18.97
N ALA C 305 16.46 30.68 19.37
CA ALA C 305 17.84 30.81 18.91
C ALA C 305 17.90 30.50 17.43
N PRO C 306 18.49 31.36 16.62
CA PRO C 306 18.51 31.09 15.18
C PRO C 306 19.30 29.84 14.83
N MET C 307 18.85 29.18 13.77
CA MET C 307 19.49 27.91 13.38
C MET C 307 20.74 28.33 12.61
N GLN D 1 -22.45 13.12 -13.84
CA GLN D 1 -21.00 12.89 -13.78
C GLN D 1 -20.34 13.63 -14.95
N VAL D 2 -19.05 13.99 -14.80
CA VAL D 2 -18.32 14.60 -15.90
C VAL D 2 -18.11 13.57 -16.98
N GLN D 3 -18.23 13.97 -18.25
CA GLN D 3 -17.90 13.10 -19.38
C GLN D 3 -17.13 13.92 -20.41
N LEU D 4 -16.13 13.28 -21.01
CA LEU D 4 -15.24 13.91 -21.98
C LEU D 4 -15.19 13.00 -23.21
N GLN D 5 -15.43 13.56 -24.41
CA GLN D 5 -15.48 12.73 -25.62
C GLN D 5 -14.75 13.43 -26.77
N GLU D 6 -13.59 12.91 -27.15
CA GLU D 6 -12.79 13.45 -28.26
C GLU D 6 -13.18 12.81 -29.59
N SER D 7 -13.00 13.59 -30.65
CA SER D 7 -13.22 13.04 -32.01
C SER D 7 -12.36 13.84 -32.99
N GLY D 8 -12.23 13.30 -34.23
CA GLY D 8 -11.55 14.01 -35.29
C GLY D 8 -10.21 13.43 -35.72
N GLY D 9 -9.69 12.43 -35.03
CA GLY D 9 -8.37 11.93 -35.42
C GLY D 9 -8.37 11.18 -36.75
N GLY D 10 -7.18 10.76 -37.14
CA GLY D 10 -7.02 9.86 -38.27
C GLY D 10 -5.59 9.89 -38.75
N LEU D 11 -5.39 9.42 -39.98
CA LEU D 11 -4.10 9.31 -40.62
C LEU D 11 -3.97 10.51 -41.56
N VAL D 12 -2.92 11.33 -41.34
CA VAL D 12 -2.75 12.57 -42.09
C VAL D 12 -1.31 12.66 -42.61
N GLN D 13 -1.17 13.29 -43.76
CA GLN D 13 0.11 13.48 -44.42
C GLN D 13 0.94 14.50 -43.65
N ALA D 14 2.25 14.27 -43.56
CA ALA D 14 3.12 15.27 -42.98
C ALA D 14 2.93 16.61 -43.67
N GLY D 15 2.95 17.66 -42.87
CA GLY D 15 2.67 19.00 -43.36
C GLY D 15 1.20 19.34 -43.43
N GLY D 16 0.33 18.34 -43.28
CA GLY D 16 -1.10 18.55 -43.31
C GLY D 16 -1.68 19.13 -42.01
N SER D 17 -3.00 19.25 -42.00
CA SER D 17 -3.69 19.88 -40.88
C SER D 17 -4.97 19.12 -40.57
N LEU D 18 -5.42 19.27 -39.33
CA LEU D 18 -6.71 18.68 -38.98
C LEU D 18 -7.17 19.33 -37.69
N ARG D 19 -8.46 19.19 -37.41
CA ARG D 19 -9.08 19.79 -36.23
C ARG D 19 -9.69 18.70 -35.37
N LEU D 20 -9.33 18.70 -34.08
CA LEU D 20 -9.94 17.80 -33.11
C LEU D 20 -11.03 18.52 -32.33
N SER D 21 -12.04 17.76 -31.89
CA SER D 21 -13.08 18.30 -31.02
C SER D 21 -13.12 17.52 -29.73
N CYS D 22 -13.59 18.16 -28.64
CA CYS D 22 -13.80 17.50 -27.34
C CYS D 22 -15.09 18.03 -26.74
N ALA D 23 -16.11 17.18 -26.62
CA ALA D 23 -17.35 17.53 -25.92
C ALA D 23 -17.23 17.21 -24.43
N ALA D 24 -17.50 18.20 -23.59
CA ALA D 24 -17.33 18.06 -22.15
C ALA D 24 -18.66 18.35 -21.49
N SER D 25 -19.27 17.33 -20.92
CA SER D 25 -20.60 17.46 -20.35
C SER D 25 -20.57 17.12 -18.87
N GLY D 26 -21.68 17.40 -18.19
CA GLY D 26 -21.71 17.12 -16.77
C GLY D 26 -21.08 18.16 -15.86
N THR D 27 -20.70 19.33 -16.38
CA THR D 27 -20.16 20.39 -15.53
C THR D 27 -20.80 21.72 -15.97
N ILE D 28 -20.37 22.81 -15.34
CA ILE D 28 -20.76 24.16 -15.75
C ILE D 28 -19.69 24.61 -16.72
N PHE D 29 -19.89 24.29 -17.99
CA PHE D 29 -18.82 24.44 -18.98
C PHE D 29 -18.22 25.85 -19.00
N SER D 30 -19.08 26.86 -18.96
CA SER D 30 -18.60 28.22 -19.15
C SER D 30 -17.67 28.71 -18.05
N ILE D 31 -17.63 28.06 -16.87
CA ILE D 31 -16.72 28.55 -15.82
C ILE D 31 -15.44 27.69 -15.74
N ASP D 32 -15.36 26.62 -16.51
CA ASP D 32 -14.20 25.72 -16.51
C ASP D 32 -13.11 26.18 -17.48
N ALA D 33 -11.84 25.85 -17.14
CA ALA D 33 -10.72 25.93 -18.07
C ALA D 33 -10.45 24.53 -18.61
N PHE D 34 -9.88 24.45 -19.80
CA PHE D 34 -9.64 23.12 -20.40
C PHE D 34 -8.22 23.02 -20.93
N GLY D 35 -7.74 21.78 -21.06
CA GLY D 35 -6.45 21.54 -21.69
C GLY D 35 -6.60 20.43 -22.71
N TRP D 36 -5.66 20.42 -23.69
CA TRP D 36 -5.39 19.28 -24.55
C TRP D 36 -4.04 18.68 -24.17
N TYR D 37 -3.98 17.35 -24.24
CA TYR D 37 -2.86 16.52 -23.80
C TYR D 37 -2.67 15.45 -24.88
N ARG D 38 -1.48 14.81 -24.91
CA ARG D 38 -1.25 13.72 -25.85
C ARG D 38 -0.31 12.68 -25.24
N GLN D 39 -0.46 11.43 -25.71
CA GLN D 39 0.44 10.36 -25.25
C GLN D 39 0.69 9.40 -26.38
N ALA D 40 1.95 9.14 -26.62
CA ALA D 40 2.37 8.15 -27.62
C ALA D 40 2.75 6.85 -26.93
N PRO D 41 2.65 5.70 -27.60
CA PRO D 41 2.94 4.42 -26.90
C PRO D 41 4.34 4.42 -26.30
N GLY D 42 4.42 3.99 -25.04
CA GLY D 42 5.70 3.91 -24.37
C GLY D 42 6.30 5.22 -23.91
N LYS D 43 5.58 6.34 -24.02
CA LYS D 43 6.09 7.63 -23.58
C LYS D 43 5.17 8.22 -22.50
N GLN D 44 5.68 9.21 -21.77
CA GLN D 44 4.87 9.90 -20.77
C GLN D 44 3.81 10.78 -21.44
N ARG D 45 2.67 10.97 -20.74
CA ARG D 45 1.62 11.86 -21.28
C ARG D 45 2.11 13.31 -21.10
N GLU D 46 1.78 14.18 -22.07
CA GLU D 46 2.24 15.58 -22.00
C GLU D 46 1.13 16.54 -22.38
N TRP D 47 1.18 17.72 -21.77
CA TRP D 47 0.24 18.80 -22.05
C TRP D 47 0.66 19.54 -23.32
N VAL D 48 -0.32 19.98 -24.12
CA VAL D 48 -0.01 20.73 -25.36
C VAL D 48 -0.64 22.12 -25.41
N ALA D 49 -1.84 22.31 -24.84
CA ALA D 49 -2.45 23.64 -24.98
C ALA D 49 -3.51 23.84 -23.91
N GLY D 50 -3.71 25.10 -23.51
CA GLY D 50 -4.69 25.39 -22.47
C GLY D 50 -5.51 26.64 -22.79
N ILE D 51 -6.75 26.66 -22.29
CA ILE D 51 -7.64 27.82 -22.48
C ILE D 51 -8.43 28.13 -21.20
N THR D 52 -8.46 29.42 -20.79
CA THR D 52 -9.18 29.82 -19.57
C THR D 52 -10.68 30.01 -19.87
N SER D 53 -11.46 30.17 -18.80
CA SER D 53 -12.89 30.49 -18.99
C SER D 53 -13.05 31.82 -19.74
N GLY D 54 -12.04 32.67 -19.70
CA GLY D 54 -12.00 33.92 -20.42
C GLY D 54 -11.47 33.83 -21.81
N SER D 55 -11.18 32.60 -22.29
CA SER D 55 -10.70 32.34 -23.63
C SER D 55 -9.29 32.83 -23.87
N SER D 56 -8.51 33.05 -22.80
CA SER D 56 -7.08 33.28 -22.95
C SER D 56 -6.35 31.95 -23.14
N THR D 57 -5.34 31.93 -24.00
CA THR D 57 -4.71 30.68 -24.42
C THR D 57 -3.20 30.66 -24.12
N ILE D 58 -2.65 29.45 -23.99
CA ILE D 58 -1.22 29.23 -23.77
C ILE D 58 -0.88 27.86 -24.35
N TYR D 59 0.34 27.73 -24.84
CA TYR D 59 0.77 26.60 -25.64
C TYR D 59 2.12 26.06 -25.18
N ALA D 60 2.27 24.74 -25.30
CA ALA D 60 3.60 24.11 -25.16
C ALA D 60 4.55 24.66 -26.22
N ASP D 61 5.82 24.83 -25.84
CA ASP D 61 6.75 25.40 -26.81
C ASP D 61 6.80 24.61 -28.11
N PHE D 62 6.67 23.28 -28.06
CA PHE D 62 6.82 22.46 -29.26
C PHE D 62 5.60 22.48 -30.19
N VAL D 63 4.51 23.18 -29.84
CA VAL D 63 3.42 23.40 -30.79
C VAL D 63 3.18 24.86 -31.08
N LYS D 64 3.93 25.77 -30.46
CA LYS D 64 3.62 27.19 -30.64
C LYS D 64 3.68 27.57 -32.11
N GLY D 65 2.67 28.34 -32.57
CA GLY D 65 2.60 28.74 -33.98
C GLY D 65 1.92 27.74 -34.89
N ARG D 66 1.69 26.50 -34.44
CA ARG D 66 1.07 25.47 -35.28
C ARG D 66 -0.30 25.06 -34.80
N PHE D 67 -0.52 25.04 -33.49
CA PHE D 67 -1.78 24.61 -32.90
C PHE D 67 -2.51 25.81 -32.33
N THR D 68 -3.87 25.74 -32.38
CA THR D 68 -4.76 26.75 -31.82
C THR D 68 -5.84 26.04 -31.02
N ILE D 69 -5.99 26.36 -29.74
CA ILE D 69 -7.09 25.88 -28.92
C ILE D 69 -8.18 26.95 -28.90
N SER D 70 -9.44 26.50 -28.96
CA SER D 70 -10.57 27.41 -28.86
C SER D 70 -11.74 26.69 -28.19
N ARG D 71 -12.82 27.45 -27.87
CA ARG D 71 -13.95 26.88 -27.17
C ARG D 71 -15.24 27.50 -27.70
N ASP D 72 -16.29 26.69 -27.71
CA ASP D 72 -17.66 27.13 -28.03
C ASP D 72 -18.54 26.78 -26.84
N ASN D 73 -18.85 27.77 -26.00
CA ASN D 73 -19.61 27.51 -24.78
C ASN D 73 -21.02 26.98 -25.06
N ALA D 74 -21.66 27.44 -26.14
CA ALA D 74 -23.02 26.97 -26.40
C ALA D 74 -23.03 25.49 -26.73
N LYS D 75 -21.95 24.99 -27.31
CA LYS D 75 -21.81 23.59 -27.70
C LYS D 75 -21.05 22.78 -26.65
N ASN D 76 -20.60 23.40 -25.55
CA ASN D 76 -19.77 22.71 -24.58
CA ASN D 76 -19.71 22.79 -24.56
C ASN D 76 -18.66 21.91 -25.25
N THR D 77 -17.99 22.55 -26.21
CA THR D 77 -16.97 21.88 -27.00
C THR D 77 -15.68 22.69 -26.99
N VAL D 78 -14.54 21.99 -26.82
CA VAL D 78 -13.21 22.57 -27.00
C VAL D 78 -12.63 22.02 -28.30
N PHE D 79 -11.93 22.86 -29.05
CA PHE D 79 -11.31 22.42 -30.30
C PHE D 79 -9.80 22.58 -30.24
N LEU D 80 -9.10 21.76 -31.04
CA LEU D 80 -7.66 21.91 -31.25
C LEU D 80 -7.38 21.89 -32.76
N GLN D 81 -7.00 23.03 -33.34
CA GLN D 81 -6.64 23.11 -34.75
C GLN D 81 -5.16 22.82 -34.88
N MET D 82 -4.79 21.80 -35.65
CA MET D 82 -3.38 21.34 -35.72
C MET D 82 -2.86 21.52 -37.15
N ASN D 83 -1.92 22.46 -37.33
CA ASN D 83 -1.35 22.71 -38.65
C ASN D 83 0.11 22.25 -38.71
N SER D 84 0.62 22.13 -39.95
CA SER D 84 2.04 21.80 -40.19
C SER D 84 2.46 20.57 -39.37
N LEU D 85 1.66 19.51 -39.49
CA LEU D 85 1.88 18.34 -38.68
C LEU D 85 3.16 17.58 -39.05
N LYS D 86 3.77 16.96 -38.05
CA LYS D 86 4.99 16.17 -38.20
C LYS D 86 4.82 14.79 -37.60
N PRO D 87 5.61 13.82 -38.04
CA PRO D 87 5.54 12.47 -37.45
C PRO D 87 5.68 12.46 -35.92
N GLU D 88 6.46 13.39 -35.33
CA GLU D 88 6.59 13.51 -33.89
C GLU D 88 5.30 13.94 -33.22
N ASP D 89 4.29 14.36 -33.99
CA ASP D 89 3.01 14.69 -33.39
C ASP D 89 2.10 13.45 -33.28
N THR D 90 2.53 12.28 -33.75
CA THR D 90 1.68 11.08 -33.65
C THR D 90 1.44 10.72 -32.18
N ALA D 91 0.17 10.54 -31.80
CA ALA D 91 -0.15 10.23 -30.40
C ALA D 91 -1.66 10.03 -30.28
N VAL D 92 -2.11 9.56 -29.12
CA VAL D 92 -3.52 9.69 -28.74
C VAL D 92 -3.71 11.05 -28.08
N TYR D 93 -4.70 11.81 -28.53
CA TYR D 93 -4.96 13.14 -28.02
C TYR D 93 -6.19 13.11 -27.11
N TYR D 94 -6.13 13.88 -26.02
CA TYR D 94 -7.16 13.90 -24.97
C TYR D 94 -7.45 15.32 -24.55
N CYS D 95 -8.71 15.59 -24.21
CA CYS D 95 -8.96 16.87 -23.51
C CYS D 95 -9.37 16.63 -22.07
N ASN D 96 -9.24 17.68 -21.25
CA ASN D 96 -9.69 17.49 -19.86
C ASN D 96 -10.04 18.86 -19.26
N ARG D 97 -10.83 18.84 -18.17
CA ARG D 97 -10.91 20.02 -17.29
C ARG D 97 -9.53 20.24 -16.69
N ALA D 98 -9.13 21.50 -16.56
CA ALA D 98 -7.75 21.81 -16.14
C ALA D 98 -7.75 22.98 -15.18
N LYS D 99 -6.66 23.05 -14.38
CA LYS D 99 -6.50 24.12 -13.40
C LYS D 99 -5.41 25.08 -13.87
N PRO D 100 -5.73 26.29 -14.30
CA PRO D 100 -4.65 27.27 -14.61
C PRO D 100 -3.95 27.70 -13.34
N PRO D 101 -2.71 28.21 -13.44
CA PRO D 101 -1.98 28.51 -14.68
C PRO D 101 -1.14 27.38 -15.24
N THR D 102 -1.00 26.26 -14.50
CA THR D 102 -0.11 25.20 -15.00
C THR D 102 -0.85 24.14 -15.79
N TYR D 103 -2.17 24.11 -15.73
CA TYR D 103 -3.02 23.20 -16.51
C TYR D 103 -2.79 21.73 -16.16
N TYR D 104 -2.62 21.39 -14.88
CA TYR D 104 -2.83 19.99 -14.54
C TYR D 104 -4.30 19.63 -14.78
N SER D 105 -4.53 18.41 -15.23
CA SER D 105 -5.90 17.94 -15.51
C SER D 105 -6.59 17.46 -14.24
N LEU D 106 -7.93 17.45 -14.25
CA LEU D 106 -8.72 17.21 -13.04
C LEU D 106 -9.51 15.89 -13.02
N GLU D 107 -9.91 15.34 -14.18
CA GLU D 107 -10.90 14.27 -14.23
C GLU D 107 -10.29 12.99 -14.75
N PRO D 108 -10.92 11.83 -14.47
CA PRO D 108 -10.61 10.61 -15.23
C PRO D 108 -10.76 10.86 -16.74
N TRP D 109 -9.92 10.18 -17.53
CA TRP D 109 -9.83 10.48 -18.97
C TRP D 109 -10.98 9.90 -19.81
N GLY D 110 -11.29 10.59 -20.90
CA GLY D 110 -12.08 10.00 -21.97
C GLY D 110 -11.23 9.03 -22.79
N LYS D 111 -11.81 8.54 -23.89
CA LYS D 111 -11.12 7.54 -24.69
C LYS D 111 -10.04 8.12 -25.57
N GLY D 112 -10.03 9.44 -25.77
CA GLY D 112 -9.07 10.08 -26.64
C GLY D 112 -9.35 9.83 -28.13
N THR D 113 -8.51 10.41 -28.98
CA THR D 113 -8.63 10.23 -30.43
C THR D 113 -7.22 10.13 -31.04
N GLN D 114 -7.02 9.10 -31.88
CA GLN D 114 -5.71 8.78 -32.46
C GLN D 114 -5.38 9.73 -33.60
N VAL D 115 -4.17 10.33 -33.56
CA VAL D 115 -3.64 11.11 -34.67
C VAL D 115 -2.32 10.45 -35.10
N THR D 116 -2.24 10.03 -36.37
CA THR D 116 -1.02 9.42 -36.87
C THR D 116 -0.58 10.24 -38.09
N VAL D 117 0.66 10.74 -38.05
CA VAL D 117 1.17 11.61 -39.11
C VAL D 117 2.15 10.79 -39.92
N SER D 118 1.85 10.59 -41.20
CA SER D 118 2.66 9.69 -42.00
C SER D 118 4.02 10.32 -42.32
N SER D 119 5.04 9.49 -42.41
CA SER D 119 6.39 9.93 -42.78
C SER D 119 6.67 9.65 -44.25
N HIS D 120 5.64 9.67 -45.09
CA HIS D 120 5.77 9.38 -46.53
C HIS D 120 5.16 10.53 -47.34
C1 GOL E . 16.87 -6.33 17.25
O1 GOL E . 18.18 -6.92 17.19
C2 GOL E . 16.05 -7.13 16.20
O2 GOL E . 16.05 -8.51 16.42
C3 GOL E . 14.62 -6.53 16.16
O3 GOL E . 14.74 -5.11 16.07
C1 GOL F . 14.93 0.13 16.86
O1 GOL F . 15.90 -0.44 16.06
C2 GOL F . 14.01 0.94 15.92
O2 GOL F . 14.77 1.71 15.15
C3 GOL F . 13.11 -0.07 14.97
O3 GOL F . 12.17 0.79 14.11
C1 IPA G . -15.09 -15.18 24.54
C2 IPA G . -16.26 -14.24 24.39
C3 IPA G . -15.90 -12.88 24.96
O2 IPA G . -16.92 -14.32 23.10
C1 GOL H . 14.64 3.18 11.36
O1 GOL H . 15.31 2.39 12.32
C2 GOL H . 13.16 2.56 11.31
O2 GOL H . 12.61 2.23 12.58
C3 GOL H . 13.24 1.28 10.43
O3 GOL H . 11.86 0.98 10.19
C1 EDO I . -10.94 8.44 18.33
O1 EDO I . -11.47 8.75 17.07
C2 EDO I . -9.63 7.72 18.04
O2 EDO I . -10.01 6.49 17.43
C1 EDO J . -11.60 -7.52 5.68
O1 EDO J . -11.62 -6.50 6.66
C2 EDO J . -12.88 -8.35 5.79
O2 EDO J . -13.83 -7.75 4.88
H11 EDO J . -10.73 -8.17 5.82
H12 EDO J . -11.53 -7.09 4.68
HO1 EDO J . -11.26 -5.69 6.29
H21 EDO J . -13.27 -8.33 6.82
H22 EDO J . -12.71 -9.39 5.53
HO2 EDO J . -14.61 -7.46 5.37
C1 EDO K . 15.84 8.51 3.29
O1 EDO K . 15.08 8.11 4.42
C2 EDO K . 15.01 8.81 2.04
O2 EDO K . 15.83 9.71 1.27
H11 EDO K . 16.56 7.73 3.05
H12 EDO K . 16.41 9.41 3.56
HO1 EDO K . 15.11 8.80 5.09
H21 EDO K . 14.06 9.28 2.30
H22 EDO K . 14.80 7.90 1.48
HO2 EDO K . 15.78 9.48 0.33
C1 GOL L . -12.56 14.56 15.62
O1 GOL L . -13.36 15.58 16.16
C2 GOL L . -11.51 15.30 14.76
O2 GOL L . -12.03 16.17 13.80
C3 GOL L . -10.51 14.25 14.19
O3 GOL L . -10.63 12.97 14.83
C1 EDO M . 6.83 24.56 1.99
O1 EDO M . 7.61 24.54 0.76
C2 EDO M . 6.21 23.20 2.38
O2 EDO M . 6.03 22.59 1.16
S DMS N . -21.44 -3.63 -10.12
O DMS N . -21.85 -2.56 -11.06
C1 DMS N . -19.73 -3.58 -9.62
C2 DMS N . -21.33 -5.25 -10.89
H11 DMS N . -19.47 -4.51 -9.19
H12 DMS N . -19.60 -2.82 -8.89
H13 DMS N . -19.13 -3.39 -10.45
H21 DMS N . -21.16 -5.99 -10.15
H22 DMS N . -20.53 -5.25 -11.60
H23 DMS N . -22.24 -5.46 -11.41
C1 EDO O . 11.77 22.17 -1.92
O1 EDO O . 10.87 23.29 -2.05
C2 EDO O . 10.95 20.99 -2.42
O2 EDO O . 11.71 20.08 -3.22
H11 EDO O . 12.08 22.02 -0.88
H12 EDO O . 12.67 22.31 -2.52
HO1 EDO O . 11.29 23.97 -2.60
H21 EDO O . 10.11 21.36 -3.01
H22 EDO O . 10.54 20.45 -1.56
HO2 EDO O . 11.13 19.65 -3.87
C1 EDO P . -9.47 13.06 22.25
O1 EDO P . -9.81 14.26 22.96
C2 EDO P . -9.17 13.34 20.77
O2 EDO P . -10.11 14.16 20.07
H11 EDO P . -10.31 12.36 22.31
H12 EDO P . -8.60 12.60 22.71
HO1 EDO P . -9.54 15.04 22.44
H21 EDO P . -9.11 12.38 20.26
H22 EDO P . -8.19 13.81 20.71
HO2 EDO P . -9.93 14.12 19.12
C1 EDO Q . 8.60 16.41 -26.63
O1 EDO Q . 8.05 15.77 -25.46
C2 EDO Q . 7.53 16.81 -27.64
O2 EDO Q . 6.75 15.64 -28.00
C1 GOL R . -4.67 16.88 -46.09
O1 GOL R . -3.33 16.38 -45.92
C2 GOL R . -5.02 17.69 -44.81
O2 GOL R . -4.24 18.82 -44.74
C3 GOL R . -6.52 18.07 -44.99
O3 GOL R . -7.07 18.37 -43.67
C1 IPA S . -1.99 9.75 -45.68
C2 IPA S . -3.16 10.70 -45.91
C3 IPA S . -2.88 11.55 -47.14
O2 IPA S . -4.45 10.07 -45.94
#